data_1ISY
#
_entry.id   1ISY
#
_cell.length_a   75.250
_cell.length_b   94.470
_cell.length_c   138.350
_cell.angle_alpha   90.00
_cell.angle_beta   90.00
_cell.angle_gamma   90.00
#
_symmetry.space_group_name_H-M   'P 21 21 21'
#
loop_
_entity.id
_entity.type
_entity.pdbx_description
1 polymer endo-1,4-beta-D-xylanase
2 non-polymer beta-D-glucopyranose
3 water water
#
_entity_poly.entity_id   1
_entity_poly.type   'polypeptide(L)'
_entity_poly.pdbx_seq_one_letter_code
;AESTLGAAAAQSGRYFGTAIASGKLGDSAYTTIASREFNMVTAENEMKIDATEPQRGQFNFSAGDRVYNWAVQNGKQVRG
HTLAWHSQQPGWMQSLSGSTLRQAMIDHINGVMGHYKGKIAQWDVVNEAFSDDGSGGRRDSNLQRTGNDWIEVAFRTARA
ADPAAKLCYNDYNIENWTWAKTQGVYNMVRDFKQRGVPIDCVGFQSHFNSGSPYNSNFRTTLQNFAALGVDVAITELDIQ
GASSSTYAAVTNDCLAVSRCLGITVWGVRDTDSWRSGDTPLLFNGDGSKKAAYTAVLNALNGGSSTPPPSGGGQIKGVGS
GRCLDVPNASTTDGTQVQLYDCHSATNQQWTYTDAGELRVYGDKCLDAAGTGNGTKVQIYSCWGGDNQKWRLNSDGSIVG
VQSGLCLDAVGGGTANGTLIQLYSCSNGSNQRWTRT
;
_entity_poly.pdbx_strand_id   A,B
#
# COMPACT_ATOMS: atom_id res chain seq x y z
N ALA A 1 -33.22 -5.81 3.00
CA ALA A 1 -32.47 -4.55 3.21
C ALA A 1 -31.49 -4.32 2.07
N GLU A 2 -30.51 -3.45 2.31
CA GLU A 2 -29.51 -3.16 1.30
C GLU A 2 -28.29 -2.42 1.86
N SER A 3 -28.07 -2.56 3.17
CA SER A 3 -26.92 -1.91 3.81
C SER A 3 -25.74 -2.86 3.92
N THR A 4 -25.98 -4.15 3.68
CA THR A 4 -24.92 -5.15 3.75
C THR A 4 -24.88 -5.91 2.42
N LEU A 5 -23.73 -6.49 2.10
CA LEU A 5 -23.57 -7.20 0.83
C LEU A 5 -24.55 -8.35 0.67
N GLY A 6 -24.68 -9.15 1.73
CA GLY A 6 -25.58 -10.29 1.69
C GLY A 6 -27.01 -9.89 1.39
N ALA A 7 -27.53 -8.95 2.18
CA ALA A 7 -28.89 -8.45 2.02
C ALA A 7 -29.08 -7.85 0.63
N ALA A 8 -28.09 -7.07 0.18
CA ALA A 8 -28.15 -6.44 -1.14
C ALA A 8 -28.26 -7.51 -2.21
N ALA A 9 -27.44 -8.55 -2.09
CA ALA A 9 -27.45 -9.65 -3.03
C ALA A 9 -28.80 -10.36 -3.02
N ALA A 10 -29.36 -10.54 -1.82
CA ALA A 10 -30.64 -11.21 -1.65
C ALA A 10 -31.78 -10.57 -2.45
N GLN A 11 -31.73 -9.26 -2.63
CA GLN A 11 -32.77 -8.55 -3.38
C GLN A 11 -32.99 -9.14 -4.76
N SER A 12 -31.94 -9.71 -5.36
CA SER A 12 -32.08 -10.30 -6.68
C SER A 12 -32.07 -11.81 -6.61
N GLY A 13 -32.28 -12.34 -5.41
CA GLY A 13 -32.32 -13.77 -5.22
C GLY A 13 -30.95 -14.41 -5.22
N ARG A 14 -29.90 -13.61 -5.04
CA ARG A 14 -28.55 -14.12 -5.01
C ARG A 14 -27.96 -14.07 -3.62
N TYR A 15 -26.70 -14.47 -3.51
CA TYR A 15 -26.01 -14.45 -2.22
C TYR A 15 -24.64 -13.80 -2.36
N PHE A 16 -24.09 -13.40 -1.23
CA PHE A 16 -22.73 -12.87 -1.22
C PHE A 16 -22.07 -13.55 -0.04
N GLY A 17 -21.14 -14.44 -0.34
CA GLY A 17 -20.48 -15.20 0.70
C GLY A 17 -19.00 -14.90 0.83
N THR A 18 -18.38 -15.59 1.78
CA THR A 18 -16.95 -15.43 2.03
C THR A 18 -16.40 -16.78 2.46
N ALA A 19 -15.08 -16.85 2.57
CA ALA A 19 -14.45 -18.08 3.02
C ALA A 19 -14.20 -17.87 4.51
N ILE A 20 -14.62 -18.83 5.32
CA ILE A 20 -14.44 -18.74 6.77
C ILE A 20 -13.34 -19.68 7.25
N ALA A 21 -12.45 -19.14 8.08
CA ALA A 21 -11.34 -19.90 8.65
C ALA A 21 -11.74 -20.16 10.12
N SER A 22 -11.87 -21.44 10.49
CA SER A 22 -12.28 -21.78 11.85
C SER A 22 -11.42 -21.17 12.96
N GLY A 23 -10.14 -20.98 12.70
CA GLY A 23 -9.27 -20.41 13.71
C GLY A 23 -9.56 -18.96 14.07
N LYS A 24 -10.23 -18.25 13.17
CA LYS A 24 -10.56 -16.84 13.39
C LYS A 24 -11.95 -16.62 13.96
N LEU A 25 -12.73 -17.69 14.10
CA LEU A 25 -14.08 -17.57 14.63
C LEU A 25 -14.07 -17.16 16.11
N GLY A 26 -12.88 -17.11 16.71
CA GLY A 26 -12.78 -16.72 18.10
C GLY A 26 -12.40 -15.25 18.20
N ASP A 27 -12.25 -14.62 17.04
CA ASP A 27 -11.88 -13.21 16.91
C ASP A 27 -13.15 -12.38 16.66
N SER A 28 -13.55 -11.58 17.65
CA SER A 28 -14.76 -10.77 17.49
C SER A 28 -14.70 -9.76 16.35
N ALA A 29 -13.52 -9.23 16.05
CA ALA A 29 -13.37 -8.27 14.97
C ALA A 29 -13.70 -8.99 13.66
N TYR A 30 -13.25 -10.24 13.57
CA TYR A 30 -13.49 -11.06 12.39
C TYR A 30 -14.97 -11.45 12.28
N THR A 31 -15.50 -12.04 13.34
CA THR A 31 -16.90 -12.48 13.32
C THR A 31 -17.90 -11.35 13.16
N THR A 32 -17.62 -10.19 13.76
CA THR A 32 -18.53 -9.06 13.63
C THR A 32 -18.76 -8.76 12.16
N ILE A 33 -17.67 -8.69 11.40
CA ILE A 33 -17.79 -8.41 9.97
C ILE A 33 -18.44 -9.60 9.26
N ALA A 34 -17.92 -10.80 9.49
CA ALA A 34 -18.43 -12.00 8.84
C ALA A 34 -19.92 -12.28 9.02
N SER A 35 -20.41 -12.25 10.25
CA SER A 35 -21.82 -12.52 10.50
C SER A 35 -22.78 -11.49 9.90
N ARG A 36 -22.31 -10.25 9.82
CA ARG A 36 -23.09 -9.15 9.30
C ARG A 36 -23.17 -9.04 7.78
N GLU A 37 -22.03 -9.17 7.11
CA GLU A 37 -21.97 -8.98 5.66
C GLU A 37 -22.28 -10.12 4.70
N PHE A 38 -22.14 -11.36 5.14
CA PHE A 38 -22.34 -12.49 4.23
C PHE A 38 -23.49 -13.43 4.57
N ASN A 39 -24.07 -14.03 3.53
CA ASN A 39 -25.17 -14.99 3.74
C ASN A 39 -24.86 -16.35 3.11
N MET A 40 -23.60 -16.57 2.78
CA MET A 40 -23.14 -17.83 2.22
C MET A 40 -21.74 -18.06 2.79
N VAL A 41 -21.44 -19.29 3.14
CA VAL A 41 -20.14 -19.62 3.72
C VAL A 41 -19.46 -20.84 3.11
N THR A 42 -18.14 -20.72 2.92
CA THR A 42 -17.34 -21.83 2.41
C THR A 42 -16.24 -22.01 3.45
N ALA A 43 -16.04 -23.24 3.91
CA ALA A 43 -14.98 -23.48 4.89
C ALA A 43 -13.68 -23.38 4.10
N GLU A 44 -12.77 -22.51 4.54
CA GLU A 44 -11.52 -22.35 3.82
C GLU A 44 -10.66 -23.62 3.76
N ASN A 45 -10.65 -24.41 4.82
CA ASN A 45 -9.82 -25.63 4.81
C ASN A 45 -10.42 -26.82 5.53
N GLU A 46 -11.40 -26.57 6.39
CA GLU A 46 -12.01 -27.60 7.22
C GLU A 46 -12.81 -28.72 6.54
N MET A 47 -13.14 -28.57 5.26
CA MET A 47 -13.90 -29.61 4.57
C MET A 47 -13.12 -30.26 3.42
N LYS A 48 -11.82 -29.99 3.36
CA LYS A 48 -10.99 -30.58 2.33
C LYS A 48 -10.77 -32.05 2.67
N ILE A 49 -10.18 -32.79 1.72
CA ILE A 49 -9.95 -34.22 1.89
C ILE A 49 -9.08 -34.61 3.09
N ASP A 50 -7.91 -33.99 3.20
CA ASP A 50 -6.99 -34.29 4.29
C ASP A 50 -7.53 -33.92 5.66
N ALA A 51 -8.39 -32.90 5.71
CA ALA A 51 -8.97 -32.45 6.96
C ALA A 51 -10.17 -33.28 7.39
N THR A 52 -10.82 -33.95 6.45
CA THR A 52 -12.00 -34.75 6.78
C THR A 52 -11.73 -36.26 6.86
N GLU A 53 -10.71 -36.73 6.15
CA GLU A 53 -10.36 -38.14 6.18
C GLU A 53 -8.84 -38.26 6.33
N PRO A 54 -8.34 -37.98 7.55
CA PRO A 54 -6.92 -38.02 7.93
C PRO A 54 -6.28 -39.36 7.59
N GLN A 55 -7.06 -40.42 7.73
CA GLN A 55 -6.59 -41.76 7.39
C GLN A 55 -7.77 -42.40 6.68
N ARG A 56 -7.47 -43.31 5.73
CA ARG A 56 -8.52 -43.95 4.95
C ARG A 56 -9.54 -44.68 5.80
N GLY A 57 -10.82 -44.31 5.65
CA GLY A 57 -11.87 -44.95 6.42
C GLY A 57 -12.15 -44.27 7.74
N GLN A 58 -11.27 -43.35 8.15
CA GLN A 58 -11.42 -42.63 9.42
C GLN A 58 -11.73 -41.16 9.14
N PHE A 59 -13.00 -40.80 9.31
CA PHE A 59 -13.44 -39.44 9.06
C PHE A 59 -13.43 -38.54 10.29
N ASN A 60 -13.13 -37.26 10.06
CA ASN A 60 -13.07 -36.26 11.12
C ASN A 60 -13.83 -35.02 10.66
N PHE A 61 -14.97 -34.76 11.28
CA PHE A 61 -15.81 -33.63 10.89
C PHE A 61 -15.90 -32.51 11.93
N SER A 62 -15.11 -32.61 12.98
CA SER A 62 -15.13 -31.60 14.04
C SER A 62 -14.95 -30.17 13.56
N ALA A 63 -13.85 -29.90 12.88
CA ALA A 63 -13.57 -28.56 12.38
C ALA A 63 -14.60 -28.15 11.34
N GLY A 64 -14.90 -29.07 10.43
CA GLY A 64 -15.87 -28.78 9.39
C GLY A 64 -17.22 -28.43 10.00
N ASP A 65 -17.66 -29.22 10.97
CA ASP A 65 -18.95 -28.98 11.61
C ASP A 65 -18.97 -27.65 12.36
N ARG A 66 -17.82 -27.24 12.87
CA ARG A 66 -17.71 -25.99 13.60
C ARG A 66 -18.08 -24.83 12.67
N VAL A 67 -17.50 -24.82 11.46
CA VAL A 67 -17.79 -23.78 10.49
C VAL A 67 -19.22 -23.88 10.00
N TYR A 68 -19.66 -25.10 9.73
CA TYR A 68 -21.02 -25.34 9.24
C TYR A 68 -22.05 -24.80 10.23
N ASN A 69 -21.89 -25.15 11.51
CA ASN A 69 -22.83 -24.72 12.53
C ASN A 69 -22.83 -23.21 12.72
N TRP A 70 -21.65 -22.60 12.68
CA TRP A 70 -21.56 -21.17 12.83
C TRP A 70 -22.32 -20.51 11.68
N ALA A 71 -22.18 -21.08 10.49
CA ALA A 71 -22.85 -20.52 9.31
C ALA A 71 -24.37 -20.55 9.46
N VAL A 72 -24.92 -21.75 9.62
CA VAL A 72 -26.36 -21.90 9.77
C VAL A 72 -26.93 -21.06 10.92
N GLN A 73 -26.26 -21.09 12.07
CA GLN A 73 -26.72 -20.31 13.24
C GLN A 73 -26.74 -18.82 12.97
N ASN A 74 -25.89 -18.36 12.04
CA ASN A 74 -25.81 -16.93 11.71
C ASN A 74 -26.51 -16.54 10.41
N GLY A 75 -27.32 -17.45 9.87
CA GLY A 75 -28.05 -17.15 8.65
C GLY A 75 -27.31 -17.27 7.33
N LYS A 76 -26.44 -18.27 7.22
CA LYS A 76 -25.71 -18.46 5.98
C LYS A 76 -25.82 -19.90 5.48
N GLN A 77 -25.94 -20.05 4.16
CA GLN A 77 -25.97 -21.38 3.58
C GLN A 77 -24.51 -21.75 3.48
N VAL A 78 -24.21 -22.95 3.02
CA VAL A 78 -22.82 -23.40 2.93
C VAL A 78 -22.48 -24.08 1.61
N ARG A 79 -21.28 -23.80 1.10
CA ARG A 79 -20.78 -24.42 -0.12
C ARG A 79 -19.71 -25.40 0.38
N GLY A 80 -19.82 -26.67 0.01
CA GLY A 80 -18.86 -27.67 0.44
C GLY A 80 -17.62 -27.63 -0.43
N HIS A 81 -16.46 -27.46 0.21
CA HIS A 81 -15.19 -27.36 -0.50
C HIS A 81 -14.14 -28.24 0.19
N THR A 82 -13.69 -29.34 -0.43
CA THR A 82 -14.12 -29.84 -1.73
C THR A 82 -13.96 -31.37 -1.66
N LEU A 83 -14.67 -32.12 -2.51
CA LEU A 83 -14.63 -33.58 -2.48
C LEU A 83 -13.53 -34.37 -3.19
N ALA A 84 -13.20 -33.98 -4.42
CA ALA A 84 -12.17 -34.69 -5.20
C ALA A 84 -11.21 -33.65 -5.76
N TRP A 85 -9.94 -33.78 -5.39
CA TRP A 85 -8.94 -32.81 -5.80
C TRP A 85 -7.55 -33.43 -5.77
N HIS A 86 -6.69 -32.98 -6.68
CA HIS A 86 -5.32 -33.50 -6.76
C HIS A 86 -4.43 -32.92 -5.67
N SER A 87 -4.79 -31.73 -5.21
CA SER A 87 -4.00 -31.05 -4.19
C SER A 87 -4.48 -31.25 -2.77
N GLN A 88 -3.55 -31.09 -1.83
CA GLN A 88 -3.81 -31.23 -0.39
C GLN A 88 -4.50 -32.53 0.00
N GLN A 89 -4.15 -33.62 -0.68
CA GLN A 89 -4.72 -34.91 -0.35
C GLN A 89 -3.93 -35.44 0.84
N PRO A 90 -4.57 -36.21 1.72
CA PRO A 90 -3.80 -36.72 2.85
C PRO A 90 -2.69 -37.61 2.30
N GLY A 91 -1.63 -37.81 3.09
CA GLY A 91 -0.52 -38.62 2.65
C GLY A 91 -0.90 -39.97 2.09
N TRP A 92 -1.80 -40.69 2.78
CA TRP A 92 -2.20 -42.00 2.32
C TRP A 92 -2.84 -42.01 0.93
N MET A 93 -3.62 -40.97 0.61
CA MET A 93 -4.27 -40.89 -0.69
C MET A 93 -3.25 -40.58 -1.79
N GLN A 94 -2.27 -39.76 -1.46
CA GLN A 94 -1.24 -39.36 -2.41
C GLN A 94 -0.46 -40.57 -2.93
N SER A 95 -0.46 -41.65 -2.15
CA SER A 95 0.27 -42.85 -2.53
C SER A 95 -0.56 -43.86 -3.32
N LEU A 96 -1.88 -43.69 -3.33
CA LEU A 96 -2.74 -44.61 -4.05
C LEU A 96 -2.71 -44.38 -5.56
N SER A 97 -3.24 -45.35 -6.31
CA SER A 97 -3.28 -45.28 -7.77
C SER A 97 -4.30 -46.26 -8.31
N GLY A 98 -4.59 -46.16 -9.60
CA GLY A 98 -5.54 -47.06 -10.23
C GLY A 98 -6.84 -47.29 -9.49
N SER A 99 -7.33 -48.52 -9.58
CA SER A 99 -8.58 -48.94 -8.96
C SER A 99 -8.70 -48.59 -7.47
N THR A 100 -7.60 -48.74 -6.73
CA THR A 100 -7.63 -48.45 -5.31
C THR A 100 -7.88 -46.97 -5.03
N LEU A 101 -7.28 -46.09 -5.82
CA LEU A 101 -7.49 -44.66 -5.64
C LEU A 101 -8.92 -44.32 -6.03
N ARG A 102 -9.36 -44.91 -7.13
CA ARG A 102 -10.72 -44.69 -7.63
C ARG A 102 -11.74 -45.03 -6.55
N GLN A 103 -11.51 -46.14 -5.86
CA GLN A 103 -12.43 -46.57 -4.82
C GLN A 103 -12.35 -45.64 -3.60
N ALA A 104 -11.15 -45.18 -3.28
CA ALA A 104 -10.95 -44.28 -2.15
C ALA A 104 -11.68 -42.96 -2.41
N MET A 105 -11.58 -42.49 -3.64
CA MET A 105 -12.23 -41.24 -4.06
C MET A 105 -13.72 -41.37 -3.85
N ILE A 106 -14.27 -42.49 -4.30
CA ILE A 106 -15.70 -42.74 -4.17
C ILE A 106 -16.09 -42.81 -2.71
N ASP A 107 -15.32 -43.57 -1.92
CA ASP A 107 -15.64 -43.70 -0.50
C ASP A 107 -15.57 -42.35 0.21
N HIS A 108 -14.62 -41.51 -0.18
CA HIS A 108 -14.48 -40.19 0.44
C HIS A 108 -15.73 -39.36 0.17
N ILE A 109 -16.13 -39.30 -1.10
CA ILE A 109 -17.32 -38.54 -1.48
C ILE A 109 -18.51 -39.01 -0.66
N ASN A 110 -18.69 -40.34 -0.58
CA ASN A 110 -19.80 -40.90 0.16
C ASN A 110 -19.74 -40.63 1.65
N GLY A 111 -18.54 -40.65 2.21
CA GLY A 111 -18.39 -40.39 3.63
C GLY A 111 -18.70 -38.95 4.01
N VAL A 112 -18.13 -38.01 3.26
CA VAL A 112 -18.35 -36.59 3.54
C VAL A 112 -19.77 -36.13 3.23
N MET A 113 -20.24 -36.41 2.02
CA MET A 113 -21.59 -36.00 1.64
C MET A 113 -22.64 -36.66 2.51
N GLY A 114 -22.39 -37.89 2.93
CA GLY A 114 -23.34 -38.59 3.78
C GLY A 114 -23.48 -37.86 5.11
N HIS A 115 -22.35 -37.43 5.65
CA HIS A 115 -22.34 -36.70 6.92
C HIS A 115 -23.14 -35.39 6.83
N TYR A 116 -22.98 -34.67 5.72
CA TYR A 116 -23.65 -33.39 5.53
C TYR A 116 -24.88 -33.51 4.62
N LYS A 117 -25.35 -34.74 4.43
CA LYS A 117 -26.50 -35.00 3.56
C LYS A 117 -27.67 -34.04 3.79
N GLY A 118 -28.06 -33.32 2.74
CA GLY A 118 -29.17 -32.39 2.84
C GLY A 118 -28.89 -31.07 3.52
N LYS A 119 -27.64 -30.82 3.90
CA LYS A 119 -27.28 -29.59 4.60
C LYS A 119 -26.40 -28.63 3.80
N ILE A 120 -25.90 -29.10 2.65
CA ILE A 120 -25.02 -28.31 1.81
C ILE A 120 -25.68 -27.80 0.53
N ALA A 121 -25.74 -26.47 0.38
CA ALA A 121 -26.34 -25.84 -0.79
C ALA A 121 -25.63 -26.23 -2.09
N GLN A 122 -24.30 -26.17 -2.05
CA GLN A 122 -23.48 -26.51 -3.22
C GLN A 122 -22.23 -27.27 -2.80
N TRP A 123 -21.87 -28.30 -3.57
CA TRP A 123 -20.66 -29.07 -3.31
C TRP A 123 -19.70 -28.92 -4.48
N ASP A 124 -18.46 -28.57 -4.20
CA ASP A 124 -17.45 -28.52 -5.26
C ASP A 124 -16.99 -29.96 -5.26
N VAL A 125 -17.67 -30.80 -6.05
CA VAL A 125 -17.35 -32.21 -6.13
C VAL A 125 -15.93 -32.46 -6.64
N VAL A 126 -15.60 -31.83 -7.77
CA VAL A 126 -14.28 -31.97 -8.37
C VAL A 126 -13.64 -30.60 -8.45
N ASN A 127 -12.40 -30.49 -8.01
CA ASN A 127 -11.69 -29.23 -8.00
C ASN A 127 -10.42 -29.21 -8.84
N GLU A 128 -10.28 -28.19 -9.68
CA GLU A 128 -9.11 -27.97 -10.52
C GLU A 128 -8.53 -29.19 -11.24
N ALA A 129 -9.31 -29.80 -12.11
CA ALA A 129 -8.87 -30.97 -12.88
C ALA A 129 -8.26 -30.64 -14.24
N PHE A 130 -8.12 -29.36 -14.56
CA PHE A 130 -7.54 -28.99 -15.85
C PHE A 130 -6.19 -28.28 -15.73
N SER A 131 -5.30 -28.60 -16.66
CA SER A 131 -3.95 -28.05 -16.71
C SER A 131 -3.87 -26.57 -17.07
N ASP A 132 -2.78 -25.93 -16.67
CA ASP A 132 -2.54 -24.52 -16.97
C ASP A 132 -1.49 -24.40 -18.07
N ASP A 133 -1.13 -25.52 -18.69
CA ASP A 133 -0.09 -25.51 -19.73
C ASP A 133 -0.54 -24.94 -21.07
N GLY A 134 -1.82 -24.58 -21.16
CA GLY A 134 -2.33 -24.01 -22.39
C GLY A 134 -2.86 -25.01 -23.40
N SER A 135 -2.92 -26.29 -23.02
CA SER A 135 -3.40 -27.33 -23.91
C SER A 135 -4.92 -27.48 -23.81
N GLY A 136 -5.48 -27.06 -22.69
CA GLY A 136 -6.90 -27.17 -22.48
C GLY A 136 -7.28 -28.59 -22.07
N GLY A 137 -6.30 -29.38 -21.69
CA GLY A 137 -6.56 -30.75 -21.28
C GLY A 137 -6.55 -30.98 -19.78
N ARG A 138 -6.75 -32.23 -19.38
CA ARG A 138 -6.76 -32.59 -17.96
C ARG A 138 -5.35 -32.49 -17.40
N ARG A 139 -5.23 -32.08 -16.14
CA ARG A 139 -3.91 -32.00 -15.53
C ARG A 139 -3.53 -33.43 -15.15
N ASP A 140 -2.25 -33.75 -15.18
CA ASP A 140 -1.81 -35.10 -14.85
C ASP A 140 -1.64 -35.33 -13.36
N SER A 141 -2.61 -35.97 -12.74
CA SER A 141 -2.58 -36.27 -11.32
C SER A 141 -2.95 -37.73 -11.12
N ASN A 142 -2.72 -38.24 -9.91
CA ASN A 142 -3.04 -39.64 -9.63
C ASN A 142 -4.51 -39.91 -9.95
N LEU A 143 -5.37 -38.94 -9.68
CA LEU A 143 -6.80 -39.09 -9.96
C LEU A 143 -7.07 -39.24 -11.46
N GLN A 144 -6.39 -38.44 -12.28
CA GLN A 144 -6.57 -38.50 -13.73
C GLN A 144 -6.02 -39.81 -14.30
N ARG A 145 -4.91 -40.29 -13.74
CA ARG A 145 -4.29 -41.53 -14.21
C ARG A 145 -5.13 -42.77 -13.91
N THR A 146 -6.23 -42.60 -13.18
CA THR A 146 -7.09 -43.73 -12.86
C THR A 146 -8.12 -43.89 -13.97
N GLY A 147 -8.09 -42.97 -14.94
CA GLY A 147 -9.05 -43.01 -16.03
C GLY A 147 -9.71 -41.66 -16.22
N ASN A 148 -9.80 -41.23 -17.48
CA ASN A 148 -10.40 -39.94 -17.81
C ASN A 148 -11.83 -39.78 -17.28
N ASP A 149 -12.47 -40.90 -16.99
CA ASP A 149 -13.84 -40.88 -16.49
C ASP A 149 -13.99 -40.62 -14.99
N TRP A 150 -12.89 -40.34 -14.29
CA TRP A 150 -12.97 -40.12 -12.85
C TRP A 150 -13.90 -38.97 -12.47
N ILE A 151 -13.80 -37.87 -13.21
CA ILE A 151 -14.66 -36.73 -12.93
C ILE A 151 -16.13 -37.11 -13.02
N GLU A 152 -16.50 -37.77 -14.12
CA GLU A 152 -17.87 -38.20 -14.33
C GLU A 152 -18.33 -39.12 -13.19
N VAL A 153 -17.46 -40.04 -12.78
CA VAL A 153 -17.79 -40.96 -11.70
C VAL A 153 -17.97 -40.19 -10.39
N ALA A 154 -17.10 -39.23 -10.14
CA ALA A 154 -17.20 -38.42 -8.93
C ALA A 154 -18.59 -37.78 -8.84
N PHE A 155 -19.06 -37.22 -9.94
CA PHE A 155 -20.37 -36.58 -9.98
C PHE A 155 -21.52 -37.55 -9.83
N ARG A 156 -21.45 -38.70 -10.51
CA ARG A 156 -22.53 -39.68 -10.38
C ARG A 156 -22.62 -40.16 -8.93
N THR A 157 -21.46 -40.38 -8.31
CA THR A 157 -21.41 -40.84 -6.93
C THR A 157 -22.06 -39.80 -6.01
N ALA A 158 -21.70 -38.53 -6.23
CA ALA A 158 -22.23 -37.43 -5.43
C ALA A 158 -23.74 -37.33 -5.49
N ARG A 159 -24.29 -37.35 -6.71
CA ARG A 159 -25.73 -37.25 -6.88
C ARG A 159 -26.43 -38.31 -6.04
N ALA A 160 -25.88 -39.53 -6.07
CA ALA A 160 -26.46 -40.63 -5.31
C ALA A 160 -26.29 -40.39 -3.82
N ALA A 161 -25.11 -39.89 -3.44
CA ALA A 161 -24.81 -39.62 -2.04
C ALA A 161 -25.75 -38.60 -1.41
N ASP A 162 -26.08 -37.56 -2.16
CA ASP A 162 -26.99 -36.52 -1.68
C ASP A 162 -27.60 -35.76 -2.87
N PRO A 163 -28.78 -36.21 -3.32
CA PRO A 163 -29.49 -35.60 -4.46
C PRO A 163 -30.03 -34.18 -4.23
N ALA A 164 -30.05 -33.72 -2.98
CA ALA A 164 -30.55 -32.38 -2.67
C ALA A 164 -29.46 -31.33 -2.85
N ALA A 165 -28.22 -31.78 -2.99
CA ALA A 165 -27.10 -30.85 -3.16
C ALA A 165 -26.84 -30.52 -4.62
N LYS A 166 -26.57 -29.24 -4.88
CA LYS A 166 -26.26 -28.79 -6.23
C LYS A 166 -24.77 -29.16 -6.39
N LEU A 167 -24.46 -29.92 -7.44
CA LEU A 167 -23.10 -30.39 -7.68
C LEU A 167 -22.32 -29.49 -8.65
N CYS A 168 -21.21 -28.94 -8.18
CA CYS A 168 -20.42 -28.05 -9.03
C CYS A 168 -19.02 -28.55 -9.38
N TYR A 169 -18.54 -28.09 -10.53
CA TYR A 169 -17.18 -28.36 -10.96
C TYR A 169 -16.56 -26.98 -10.70
N ASN A 170 -15.47 -26.96 -9.94
CA ASN A 170 -14.79 -25.71 -9.58
C ASN A 170 -13.35 -25.65 -10.11
N ASP A 171 -12.96 -24.51 -10.66
CA ASP A 171 -11.60 -24.34 -11.18
C ASP A 171 -11.22 -22.87 -11.30
N TYR A 172 -9.93 -22.60 -11.53
CA TYR A 172 -9.44 -21.23 -11.68
C TYR A 172 -8.89 -21.06 -13.10
N ASN A 173 -8.69 -19.81 -13.51
CA ASN A 173 -8.20 -19.51 -14.85
C ASN A 173 -9.15 -20.04 -15.93
N ILE A 174 -10.44 -20.14 -15.59
CA ILE A 174 -11.45 -20.57 -16.55
C ILE A 174 -12.46 -19.43 -16.75
N GLU A 175 -12.02 -18.22 -16.45
CA GLU A 175 -12.86 -17.02 -16.58
C GLU A 175 -12.74 -16.32 -17.93
N ASN A 176 -11.53 -16.19 -18.45
CA ASN A 176 -11.34 -15.54 -19.75
C ASN A 176 -11.76 -16.54 -20.81
N TRP A 177 -12.84 -16.24 -21.52
CA TRP A 177 -13.38 -17.13 -22.54
C TRP A 177 -12.39 -17.60 -23.61
N THR A 178 -11.38 -16.80 -23.92
CA THR A 178 -10.42 -17.16 -24.96
C THR A 178 -9.37 -18.17 -24.52
N TRP A 179 -9.19 -18.34 -23.21
CA TRP A 179 -8.20 -19.29 -22.71
C TRP A 179 -8.58 -20.74 -23.02
N ALA A 180 -7.59 -21.51 -23.43
CA ALA A 180 -7.78 -22.92 -23.76
C ALA A 180 -8.38 -23.69 -22.58
N LYS A 181 -7.95 -23.38 -21.37
CA LYS A 181 -8.44 -24.07 -20.18
C LYS A 181 -9.97 -23.89 -20.09
N THR A 182 -10.43 -22.67 -20.34
CA THR A 182 -11.87 -22.39 -20.29
C THR A 182 -12.62 -23.26 -21.29
N GLN A 183 -12.08 -23.35 -22.50
CA GLN A 183 -12.70 -24.14 -23.57
C GLN A 183 -12.69 -25.60 -23.17
N GLY A 184 -11.59 -26.05 -22.59
CA GLY A 184 -11.49 -27.43 -22.16
C GLY A 184 -12.61 -27.79 -21.21
N VAL A 185 -12.80 -26.97 -20.18
CA VAL A 185 -13.85 -27.21 -19.18
C VAL A 185 -15.25 -27.07 -19.80
N TYR A 186 -15.40 -26.12 -20.71
CA TYR A 186 -16.67 -25.89 -21.38
C TYR A 186 -17.08 -27.14 -22.16
N ASN A 187 -16.16 -27.67 -22.96
CA ASN A 187 -16.44 -28.85 -23.74
C ASN A 187 -16.84 -30.01 -22.83
N MET A 188 -16.14 -30.16 -21.71
CA MET A 188 -16.45 -31.24 -20.78
C MET A 188 -17.88 -31.13 -20.26
N VAL A 189 -18.20 -29.97 -19.69
CA VAL A 189 -19.53 -29.73 -19.14
C VAL A 189 -20.59 -29.93 -20.21
N ARG A 190 -20.32 -29.45 -21.41
CA ARG A 190 -21.25 -29.61 -22.53
C ARG A 190 -21.49 -31.11 -22.76
N ASP A 191 -20.40 -31.88 -22.81
CA ASP A 191 -20.50 -33.32 -23.01
C ASP A 191 -21.31 -33.95 -21.89
N PHE A 192 -21.01 -33.60 -20.64
CA PHE A 192 -21.73 -34.15 -19.49
C PHE A 192 -23.24 -33.89 -19.61
N LYS A 193 -23.61 -32.66 -19.97
CA LYS A 193 -25.01 -32.31 -20.09
C LYS A 193 -25.70 -33.12 -21.19
N GLN A 194 -25.02 -33.30 -22.32
CA GLN A 194 -25.58 -34.07 -23.41
C GLN A 194 -25.70 -35.55 -23.05
N ARG A 195 -24.79 -36.07 -22.23
CA ARG A 195 -24.84 -37.47 -21.86
C ARG A 195 -25.59 -37.72 -20.55
N GLY A 196 -26.15 -36.67 -19.97
CA GLY A 196 -26.89 -36.83 -18.74
C GLY A 196 -26.07 -36.98 -17.47
N VAL A 197 -24.79 -36.63 -17.52
CA VAL A 197 -23.95 -36.72 -16.33
C VAL A 197 -24.52 -35.71 -15.33
N PRO A 198 -24.73 -36.12 -14.08
CA PRO A 198 -25.29 -35.24 -13.06
C PRO A 198 -24.41 -34.09 -12.55
N ILE A 199 -24.40 -32.99 -13.28
CA ILE A 199 -23.64 -31.80 -12.87
C ILE A 199 -24.63 -30.65 -12.94
N ASP A 200 -24.69 -29.86 -11.88
CA ASP A 200 -25.65 -28.74 -11.82
C ASP A 200 -25.03 -27.36 -11.90
N CYS A 201 -23.73 -27.26 -11.61
CA CYS A 201 -23.09 -25.96 -11.61
C CYS A 201 -21.61 -25.97 -11.90
N VAL A 202 -21.11 -24.83 -12.31
CA VAL A 202 -19.70 -24.66 -12.57
C VAL A 202 -19.28 -23.49 -11.71
N GLY A 203 -18.24 -23.70 -10.92
CA GLY A 203 -17.75 -22.64 -10.06
C GLY A 203 -16.50 -22.02 -10.65
N PHE A 204 -16.50 -20.69 -10.73
CA PHE A 204 -15.36 -19.95 -11.26
C PHE A 204 -14.66 -19.30 -10.07
N GLN A 205 -13.50 -19.83 -9.70
CA GLN A 205 -12.77 -19.30 -8.57
C GLN A 205 -12.56 -17.80 -8.64
N SER A 206 -12.32 -17.30 -9.85
CA SER A 206 -12.15 -15.86 -10.06
C SER A 206 -11.02 -15.19 -9.28
N HIS A 207 -9.83 -15.80 -9.29
CA HIS A 207 -8.68 -15.18 -8.62
C HIS A 207 -8.03 -14.30 -9.69
N PHE A 208 -8.29 -13.01 -9.64
CA PHE A 208 -7.72 -12.10 -10.64
C PHE A 208 -6.51 -11.32 -10.13
N ASN A 209 -5.50 -11.22 -10.99
CA ASN A 209 -4.27 -10.48 -10.69
C ASN A 209 -3.63 -10.13 -12.03
N SER A 210 -2.54 -9.37 -12.01
CA SER A 210 -1.93 -8.96 -13.27
C SER A 210 -1.43 -10.16 -14.10
N GLY A 211 -1.33 -11.32 -13.46
CA GLY A 211 -0.92 -12.52 -14.17
C GLY A 211 -2.10 -13.11 -14.93
N SER A 212 -3.25 -13.15 -14.25
CA SER A 212 -4.50 -13.66 -14.83
C SER A 212 -5.56 -12.59 -14.58
N PRO A 213 -5.47 -11.47 -15.32
CA PRO A 213 -6.40 -10.35 -15.18
C PRO A 213 -7.83 -10.62 -15.60
N TYR A 214 -8.73 -9.85 -14.99
CA TYR A 214 -10.15 -9.94 -15.30
C TYR A 214 -10.33 -9.38 -16.70
N ASN A 215 -11.23 -9.98 -17.46
CA ASN A 215 -11.53 -9.50 -18.79
C ASN A 215 -13.04 -9.44 -18.91
N SER A 216 -13.54 -8.41 -19.59
CA SER A 216 -14.98 -8.24 -19.74
C SER A 216 -15.67 -9.48 -20.31
N ASN A 217 -14.95 -10.28 -21.09
CA ASN A 217 -15.57 -11.47 -21.65
C ASN A 217 -15.93 -12.51 -20.59
N PHE A 218 -15.64 -12.21 -19.33
CA PHE A 218 -15.98 -13.14 -18.26
C PHE A 218 -17.50 -13.34 -18.30
N ARG A 219 -18.22 -12.29 -18.68
CA ARG A 219 -19.68 -12.38 -18.76
C ARG A 219 -20.08 -13.37 -19.86
N THR A 220 -19.33 -13.35 -20.96
CA THR A 220 -19.61 -14.26 -22.07
C THR A 220 -19.42 -15.70 -21.61
N THR A 221 -18.35 -15.93 -20.85
CA THR A 221 -18.06 -17.26 -20.33
C THR A 221 -19.22 -17.73 -19.46
N LEU A 222 -19.65 -16.87 -18.55
CA LEU A 222 -20.76 -17.18 -17.65
C LEU A 222 -22.04 -17.47 -18.42
N GLN A 223 -22.32 -16.63 -19.42
CA GLN A 223 -23.52 -16.79 -20.24
C GLN A 223 -23.42 -18.08 -21.06
N ASN A 224 -22.22 -18.39 -21.54
CA ASN A 224 -22.02 -19.60 -22.33
C ASN A 224 -22.26 -20.87 -21.53
N PHE A 225 -21.77 -20.92 -20.29
CA PHE A 225 -22.02 -22.12 -19.49
C PHE A 225 -23.48 -22.18 -19.10
N ALA A 226 -24.06 -21.03 -18.76
CA ALA A 226 -25.47 -20.98 -18.37
C ALA A 226 -26.35 -21.55 -19.48
N ALA A 227 -26.00 -21.22 -20.73
CA ALA A 227 -26.74 -21.70 -21.89
C ALA A 227 -26.74 -23.23 -21.98
N LEU A 228 -25.75 -23.86 -21.34
CA LEU A 228 -25.63 -25.31 -21.32
C LEU A 228 -26.63 -25.93 -20.35
N GLY A 229 -27.29 -25.09 -19.54
CA GLY A 229 -28.25 -25.61 -18.60
C GLY A 229 -27.70 -25.86 -17.20
N VAL A 230 -26.60 -25.19 -16.86
CA VAL A 230 -26.02 -25.34 -15.54
C VAL A 230 -25.96 -23.97 -14.89
N ASP A 231 -25.99 -23.95 -13.55
CA ASP A 231 -25.90 -22.67 -12.85
C ASP A 231 -24.42 -22.32 -12.79
N VAL A 232 -24.14 -21.06 -12.50
CA VAL A 232 -22.76 -20.63 -12.40
C VAL A 232 -22.61 -19.89 -11.09
N ALA A 233 -21.40 -19.87 -10.55
CA ALA A 233 -21.11 -19.19 -9.29
C ALA A 233 -19.67 -18.70 -9.27
N ILE A 234 -19.47 -17.51 -8.72
CA ILE A 234 -18.13 -16.93 -8.57
C ILE A 234 -17.81 -17.46 -7.18
N THR A 235 -16.84 -18.38 -7.10
CA THR A 235 -16.52 -19.06 -5.85
C THR A 235 -15.41 -18.61 -4.92
N GLU A 236 -14.34 -18.02 -5.46
CA GLU A 236 -13.22 -17.62 -4.60
C GLU A 236 -12.65 -16.29 -5.01
N LEU A 237 -13.54 -15.36 -5.37
CA LEU A 237 -13.14 -14.04 -5.82
C LEU A 237 -12.24 -13.21 -4.93
N ASP A 238 -11.22 -12.64 -5.57
CA ASP A 238 -10.28 -11.70 -4.97
C ASP A 238 -9.55 -11.06 -6.14
N ILE A 239 -9.41 -9.74 -6.08
CA ILE A 239 -8.76 -8.98 -7.15
C ILE A 239 -7.52 -8.27 -6.63
N GLN A 240 -6.37 -8.57 -7.23
CA GLN A 240 -5.13 -7.94 -6.83
C GLN A 240 -5.29 -6.43 -6.93
N GLY A 241 -5.14 -5.73 -5.80
CA GLY A 241 -5.27 -4.28 -5.82
C GLY A 241 -6.68 -3.83 -5.47
N ALA A 242 -7.59 -4.80 -5.39
CA ALA A 242 -8.98 -4.54 -5.05
C ALA A 242 -9.62 -3.39 -5.83
N SER A 243 -9.38 -3.35 -7.13
CA SER A 243 -9.95 -2.32 -7.99
C SER A 243 -11.47 -2.21 -7.85
N SER A 244 -11.96 -1.01 -7.60
CA SER A 244 -13.39 -0.77 -7.45
C SER A 244 -14.16 -1.15 -8.72
N SER A 245 -13.66 -0.70 -9.86
CA SER A 245 -14.29 -0.99 -11.14
C SER A 245 -14.39 -2.48 -11.43
N THR A 246 -13.28 -3.19 -11.24
CA THR A 246 -13.25 -4.63 -11.48
C THR A 246 -14.21 -5.36 -10.54
N TYR A 247 -14.20 -4.98 -9.25
CA TYR A 247 -15.10 -5.63 -8.31
C TYR A 247 -16.55 -5.39 -8.73
N ALA A 248 -16.85 -4.16 -9.16
CA ALA A 248 -18.20 -3.82 -9.58
C ALA A 248 -18.54 -4.52 -10.90
N ALA A 249 -17.53 -4.67 -11.77
CA ALA A 249 -17.73 -5.32 -13.05
C ALA A 249 -18.09 -6.79 -12.84
N VAL A 250 -17.31 -7.46 -12.00
CA VAL A 250 -17.57 -8.87 -11.70
C VAL A 250 -18.97 -9.01 -11.11
N THR A 251 -19.33 -8.07 -10.23
CA THR A 251 -20.66 -8.10 -9.63
C THR A 251 -21.75 -7.95 -10.69
N ASN A 252 -21.56 -7.00 -11.62
CA ASN A 252 -22.54 -6.80 -12.67
C ASN A 252 -22.61 -7.98 -13.64
N ASP A 253 -21.50 -8.70 -13.80
CA ASP A 253 -21.50 -9.85 -14.69
C ASP A 253 -22.44 -10.91 -14.12
N CYS A 254 -22.36 -11.13 -12.82
CA CYS A 254 -23.23 -12.11 -12.18
C CYS A 254 -24.68 -11.66 -12.26
N LEU A 255 -24.95 -10.38 -12.01
CA LEU A 255 -26.32 -9.85 -12.07
C LEU A 255 -26.89 -9.92 -13.49
N ALA A 256 -26.02 -9.91 -14.48
CA ALA A 256 -26.44 -9.97 -15.88
C ALA A 256 -26.79 -11.38 -16.32
N VAL A 257 -26.52 -12.37 -15.47
CA VAL A 257 -26.79 -13.76 -15.81
C VAL A 257 -27.80 -14.37 -14.82
N SER A 258 -28.99 -14.68 -15.32
CA SER A 258 -30.04 -15.24 -14.49
C SER A 258 -29.60 -16.48 -13.72
N ARG A 259 -28.65 -17.22 -14.28
CA ARG A 259 -28.15 -18.46 -13.68
C ARG A 259 -27.01 -18.27 -12.69
N CYS A 260 -26.52 -17.05 -12.51
CA CYS A 260 -25.45 -16.83 -11.56
C CYS A 260 -26.05 -16.76 -10.16
N LEU A 261 -25.83 -17.81 -9.38
CA LEU A 261 -26.38 -17.94 -8.03
C LEU A 261 -25.89 -16.91 -7.01
N GLY A 262 -24.65 -16.49 -7.13
CA GLY A 262 -24.12 -15.53 -6.20
C GLY A 262 -22.61 -15.39 -6.27
N ILE A 263 -22.06 -14.60 -5.37
CA ILE A 263 -20.63 -14.35 -5.33
C ILE A 263 -20.05 -14.55 -3.95
N THR A 264 -18.93 -15.28 -3.90
CA THR A 264 -18.21 -15.53 -2.67
C THR A 264 -16.82 -14.94 -2.87
N VAL A 265 -16.35 -14.15 -1.90
CA VAL A 265 -15.00 -13.58 -1.97
C VAL A 265 -14.17 -14.49 -1.08
N TRP A 266 -12.93 -14.74 -1.47
CA TRP A 266 -12.08 -15.65 -0.72
C TRP A 266 -11.45 -15.09 0.54
N GLY A 267 -12.31 -14.74 1.52
CA GLY A 267 -11.82 -14.19 2.77
C GLY A 267 -12.57 -12.95 3.21
N VAL A 268 -12.40 -12.57 4.48
CA VAL A 268 -13.06 -11.40 5.04
C VAL A 268 -12.21 -10.13 4.92
N ARG A 269 -11.11 -10.07 5.66
CA ARG A 269 -10.22 -8.90 5.62
C ARG A 269 -8.98 -9.23 4.81
N ASP A 270 -8.30 -8.21 4.31
CA ASP A 270 -7.09 -8.42 3.51
C ASP A 270 -6.08 -9.24 4.28
N THR A 271 -6.03 -9.05 5.59
CA THR A 271 -5.08 -9.77 6.44
C THR A 271 -5.43 -11.24 6.62
N ASP A 272 -6.64 -11.63 6.21
CA ASP A 272 -7.07 -13.03 6.32
C ASP A 272 -6.88 -13.75 4.99
N SER A 273 -6.50 -12.98 3.97
CA SER A 273 -6.31 -13.52 2.62
C SER A 273 -5.08 -14.38 2.41
N TRP A 274 -5.23 -15.42 1.59
CA TRP A 274 -4.12 -16.30 1.28
C TRP A 274 -3.11 -15.48 0.48
N ARG A 275 -3.55 -14.32 -0.02
CA ARG A 275 -2.69 -13.42 -0.79
C ARG A 275 -2.77 -12.00 -0.22
N SER A 276 -2.60 -11.88 1.09
CA SER A 276 -2.66 -10.58 1.77
C SER A 276 -1.84 -9.49 1.08
N GLY A 277 -0.67 -9.86 0.57
CA GLY A 277 0.19 -8.91 -0.10
C GLY A 277 -0.46 -8.19 -1.27
N ASP A 278 -1.53 -8.78 -1.81
CA ASP A 278 -2.23 -8.16 -2.92
C ASP A 278 -3.46 -7.37 -2.45
N THR A 279 -3.68 -7.30 -1.13
CA THR A 279 -4.83 -6.57 -0.58
C THR A 279 -5.97 -6.71 -1.58
N PRO A 280 -6.41 -7.96 -1.84
CA PRO A 280 -7.47 -8.24 -2.79
C PRO A 280 -8.91 -8.40 -2.29
N LEU A 281 -9.17 -8.12 -1.02
CA LEU A 281 -10.51 -8.29 -0.49
C LEU A 281 -11.27 -6.98 -0.30
N LEU A 282 -12.41 -7.03 0.37
CA LEU A 282 -13.25 -5.84 0.57
C LEU A 282 -13.10 -5.11 1.90
N PHE A 283 -12.35 -5.70 2.82
CA PHE A 283 -12.13 -5.07 4.11
C PHE A 283 -10.64 -4.98 4.43
N ASN A 284 -10.25 -3.88 5.07
CA ASN A 284 -8.86 -3.66 5.47
C ASN A 284 -8.61 -4.49 6.72
N GLY A 285 -7.33 -4.67 7.06
CA GLY A 285 -6.99 -5.44 8.24
C GLY A 285 -7.63 -4.85 9.48
N ASP A 286 -7.75 -3.52 9.54
CA ASP A 286 -8.36 -2.89 10.70
C ASP A 286 -9.89 -3.00 10.68
N GLY A 287 -10.40 -3.78 9.72
CA GLY A 287 -11.84 -3.99 9.63
C GLY A 287 -12.64 -2.93 8.90
N SER A 288 -11.97 -1.91 8.37
CA SER A 288 -12.69 -0.85 7.67
C SER A 288 -13.08 -1.26 6.25
N LYS A 289 -14.21 -0.74 5.80
CA LYS A 289 -14.68 -1.03 4.45
C LYS A 289 -13.81 -0.29 3.46
N LYS A 290 -13.46 -0.97 2.36
CA LYS A 290 -12.61 -0.38 1.34
C LYS A 290 -13.45 0.23 0.22
N ALA A 291 -12.80 0.95 -0.67
CA ALA A 291 -13.47 1.58 -1.79
C ALA A 291 -14.27 0.54 -2.57
N ALA A 292 -13.67 -0.63 -2.80
CA ALA A 292 -14.33 -1.69 -3.53
C ALA A 292 -15.59 -2.17 -2.82
N TYR A 293 -15.57 -2.23 -1.49
CA TYR A 293 -16.75 -2.67 -0.77
C TYR A 293 -17.97 -1.87 -1.23
N THR A 294 -17.88 -0.55 -1.13
CA THR A 294 -18.99 0.30 -1.53
C THR A 294 -19.33 0.18 -3.01
N ALA A 295 -18.32 -0.09 -3.84
CA ALA A 295 -18.53 -0.24 -5.27
C ALA A 295 -19.37 -1.51 -5.52
N VAL A 296 -19.10 -2.55 -4.74
CA VAL A 296 -19.85 -3.80 -4.86
C VAL A 296 -21.27 -3.62 -4.32
N LEU A 297 -21.40 -2.97 -3.17
CA LEU A 297 -22.71 -2.74 -2.57
C LEU A 297 -23.60 -1.92 -3.50
N ASN A 298 -23.03 -0.89 -4.13
CA ASN A 298 -23.78 -0.04 -5.04
C ASN A 298 -24.27 -0.84 -6.24
N ALA A 299 -23.42 -1.71 -6.75
CA ALA A 299 -23.79 -2.53 -7.90
C ALA A 299 -24.94 -3.47 -7.53
N LEU A 300 -24.82 -4.12 -6.37
CA LEU A 300 -25.86 -5.05 -5.90
C LEU A 300 -27.19 -4.33 -5.70
N ASN A 301 -27.15 -3.07 -5.29
CA ASN A 301 -28.38 -2.30 -5.07
C ASN A 301 -28.94 -1.66 -6.32
N GLY A 302 -28.40 -2.00 -7.48
CA GLY A 302 -28.90 -1.45 -8.72
C GLY A 302 -28.15 -0.24 -9.26
N GLY A 303 -26.95 -0.01 -8.73
CA GLY A 303 -26.15 1.12 -9.18
C GLY A 303 -26.71 2.46 -8.76
N SER A 304 -26.82 3.38 -9.72
CA SER A 304 -27.34 4.71 -9.47
C SER A 304 -28.43 5.06 -10.48
N SER A 305 -29.25 6.05 -10.15
CA SER A 305 -30.34 6.48 -11.03
C SER A 305 -29.81 7.09 -12.32
N THR A 306 -28.51 7.37 -12.37
CA THR A 306 -27.89 7.93 -13.56
C THR A 306 -26.50 7.35 -13.77
N PRO A 307 -26.04 7.29 -15.04
CA PRO A 307 -24.72 6.76 -15.41
C PRO A 307 -23.55 7.28 -14.55
N PRO A 308 -22.70 6.37 -14.05
CA PRO A 308 -21.54 6.69 -13.22
C PRO A 308 -20.48 7.53 -13.94
N PRO A 309 -19.54 8.11 -13.17
CA PRO A 309 -18.46 8.96 -13.71
C PRO A 309 -17.38 8.20 -14.46
N SER A 310 -17.10 8.65 -15.68
CA SER A 310 -16.08 8.04 -16.52
C SER A 310 -14.73 8.72 -16.32
N GLY A 311 -14.35 8.91 -15.06
CA GLY A 311 -13.08 9.54 -14.75
C GLY A 311 -12.97 11.00 -15.18
N GLY A 312 -12.97 11.90 -14.20
CA GLY A 312 -12.85 13.31 -14.49
C GLY A 312 -14.15 14.07 -14.42
N GLY A 313 -14.29 14.93 -13.43
CA GLY A 313 -15.51 15.71 -13.30
C GLY A 313 -15.64 16.44 -11.99
N GLN A 314 -16.65 17.31 -11.92
CA GLN A 314 -16.92 18.10 -10.74
C GLN A 314 -17.71 17.34 -9.68
N ILE A 315 -17.63 17.82 -8.45
CA ILE A 315 -18.34 17.24 -7.32
C ILE A 315 -19.07 18.40 -6.66
N LYS A 316 -20.37 18.51 -6.95
CA LYS A 316 -21.20 19.58 -6.43
C LYS A 316 -21.94 19.24 -5.14
N GLY A 317 -21.87 20.15 -4.18
CA GLY A 317 -22.57 19.94 -2.92
C GLY A 317 -24.05 20.11 -3.15
N VAL A 318 -24.85 19.22 -2.58
CA VAL A 318 -26.30 19.27 -2.72
C VAL A 318 -26.88 20.52 -2.05
N GLY A 319 -26.55 20.73 -0.79
CA GLY A 319 -27.08 21.88 -0.08
C GLY A 319 -26.61 23.25 -0.55
N SER A 320 -25.39 23.32 -1.06
CA SER A 320 -24.82 24.59 -1.51
C SER A 320 -24.94 24.86 -3.00
N GLY A 321 -24.93 23.79 -3.81
CA GLY A 321 -25.00 23.99 -5.24
C GLY A 321 -23.66 24.45 -5.76
N ARG A 322 -22.64 24.34 -4.90
CA ARG A 322 -21.28 24.72 -5.27
C ARG A 322 -20.39 23.49 -5.35
N CYS A 323 -19.26 23.63 -6.05
CA CYS A 323 -18.33 22.54 -6.28
C CYS A 323 -17.08 22.47 -5.39
N LEU A 324 -16.53 21.26 -5.27
CA LEU A 324 -15.33 21.00 -4.49
C LEU A 324 -14.21 21.68 -5.26
N ASP A 325 -13.58 22.67 -4.63
CA ASP A 325 -12.56 23.46 -5.29
C ASP A 325 -11.25 23.62 -4.51
N VAL A 326 -10.12 23.49 -5.20
CA VAL A 326 -8.82 23.68 -4.58
C VAL A 326 -8.53 25.17 -4.81
N PRO A 327 -8.49 25.97 -3.72
CA PRO A 327 -8.24 27.41 -3.76
C PRO A 327 -7.14 27.87 -4.72
N ASN A 328 -7.50 28.79 -5.61
CA ASN A 328 -6.58 29.36 -6.58
C ASN A 328 -5.81 28.35 -7.40
N ALA A 329 -6.37 27.16 -7.56
CA ALA A 329 -5.72 26.11 -8.32
C ALA A 329 -4.31 25.85 -7.78
N SER A 330 -4.15 25.99 -6.47
CA SER A 330 -2.88 25.75 -5.82
C SER A 330 -2.53 24.26 -5.89
N THR A 331 -1.24 23.93 -5.91
CA THR A 331 -0.81 22.54 -5.96
C THR A 331 0.02 22.23 -4.71
N THR A 332 0.02 23.17 -3.77
CA THR A 332 0.77 23.04 -2.53
C THR A 332 0.14 22.04 -1.56
N ASP A 333 0.93 21.06 -1.10
CA ASP A 333 0.42 20.07 -0.15
C ASP A 333 -0.03 20.78 1.12
N GLY A 334 -1.18 20.36 1.64
CA GLY A 334 -1.70 20.97 2.85
C GLY A 334 -2.79 21.98 2.58
N THR A 335 -3.02 22.28 1.30
CA THR A 335 -4.05 23.24 0.93
C THR A 335 -5.43 22.63 1.19
N GLN A 336 -6.22 23.27 2.05
CA GLN A 336 -7.55 22.77 2.37
C GLN A 336 -8.53 23.10 1.25
N VAL A 337 -9.40 22.15 0.92
CA VAL A 337 -10.36 22.37 -0.15
C VAL A 337 -11.56 23.14 0.37
N GLN A 338 -12.26 23.78 -0.57
CA GLN A 338 -13.42 24.61 -0.24
C GLN A 338 -14.53 24.37 -1.24
N LEU A 339 -15.63 25.09 -1.04
CA LEU A 339 -16.77 25.06 -1.95
C LEU A 339 -16.58 26.33 -2.79
N TYR A 340 -16.99 26.28 -4.05
CA TYR A 340 -16.88 27.46 -4.88
C TYR A 340 -17.74 27.31 -6.10
N ASP A 341 -18.29 28.42 -6.59
CA ASP A 341 -19.14 28.38 -7.77
C ASP A 341 -18.51 27.46 -8.79
N CYS A 342 -19.31 26.57 -9.36
CA CYS A 342 -18.80 25.61 -10.32
C CYS A 342 -18.43 26.26 -11.66
N HIS A 343 -17.29 25.84 -12.21
CA HIS A 343 -16.84 26.34 -13.50
C HIS A 343 -15.79 25.40 -14.10
N SER A 344 -15.52 25.56 -15.39
CA SER A 344 -14.55 24.72 -16.08
C SER A 344 -13.15 25.13 -15.67
N ALA A 345 -12.58 24.39 -14.73
CA ALA A 345 -11.24 24.64 -14.24
C ALA A 345 -10.71 23.35 -13.67
N THR A 346 -9.44 23.06 -13.95
CA THR A 346 -8.82 21.83 -13.49
C THR A 346 -8.86 21.67 -11.98
N ASN A 347 -8.90 22.78 -11.24
CA ASN A 347 -8.93 22.70 -9.78
C ASN A 347 -10.30 22.29 -9.24
N GLN A 348 -11.21 21.93 -10.14
CA GLN A 348 -12.56 21.45 -9.77
C GLN A 348 -12.83 20.10 -10.44
N GLN A 349 -11.85 19.58 -11.17
CA GLN A 349 -12.00 18.30 -11.87
C GLN A 349 -11.37 17.17 -11.07
N TRP A 350 -12.21 16.36 -10.45
CA TRP A 350 -11.73 15.25 -9.64
C TRP A 350 -11.97 13.94 -10.34
N THR A 351 -10.95 13.07 -10.32
CA THR A 351 -11.07 11.75 -10.94
C THR A 351 -11.05 10.70 -9.82
N TYR A 352 -12.09 9.89 -9.76
CA TYR A 352 -12.15 8.83 -8.76
C TYR A 352 -11.44 7.62 -9.35
N THR A 353 -10.36 7.17 -8.72
CA THR A 353 -9.60 6.03 -9.22
C THR A 353 -10.14 4.71 -8.68
N ASP A 354 -9.73 3.61 -9.30
CA ASP A 354 -10.16 2.29 -8.88
C ASP A 354 -9.69 1.99 -7.46
N ALA A 355 -8.58 2.60 -7.06
CA ALA A 355 -8.03 2.39 -5.73
C ALA A 355 -8.81 3.18 -4.68
N GLY A 356 -9.71 4.06 -5.13
CA GLY A 356 -10.51 4.83 -4.20
C GLY A 356 -10.03 6.25 -3.95
N GLU A 357 -9.07 6.72 -4.72
CA GLU A 357 -8.56 8.07 -4.56
C GLU A 357 -9.38 9.07 -5.38
N LEU A 358 -9.37 10.32 -4.96
CA LEU A 358 -10.03 11.39 -5.67
C LEU A 358 -8.89 12.32 -6.06
N ARG A 359 -8.41 12.14 -7.29
CA ARG A 359 -7.28 12.91 -7.80
C ARG A 359 -7.63 14.20 -8.53
N VAL A 360 -6.74 15.18 -8.39
CA VAL A 360 -6.89 16.49 -9.03
C VAL A 360 -5.50 16.84 -9.56
N TYR A 361 -5.43 17.51 -10.71
CA TYR A 361 -4.17 17.89 -11.35
C TYR A 361 -3.41 16.64 -11.81
N GLY A 362 -4.04 15.48 -11.69
CA GLY A 362 -3.40 14.26 -12.13
C GLY A 362 -2.63 13.50 -11.07
N ASP A 363 -1.92 14.21 -10.18
CA ASP A 363 -1.16 13.53 -9.15
C ASP A 363 -1.28 14.09 -7.73
N LYS A 364 -2.40 14.76 -7.44
CA LYS A 364 -2.67 15.27 -6.10
C LYS A 364 -3.90 14.52 -5.64
N CYS A 365 -3.96 14.21 -4.35
CA CYS A 365 -5.08 13.44 -3.80
C CYS A 365 -5.85 14.11 -2.67
N LEU A 366 -7.18 13.98 -2.69
CA LEU A 366 -8.00 14.54 -1.62
C LEU A 366 -7.45 13.81 -0.40
N ASP A 367 -6.98 14.57 0.58
CA ASP A 367 -6.33 14.00 1.76
C ASP A 367 -6.92 14.42 3.10
N ALA A 368 -7.09 13.45 3.99
CA ALA A 368 -7.62 13.73 5.33
C ALA A 368 -6.43 13.72 6.29
N ALA A 369 -6.20 14.85 6.97
CA ALA A 369 -5.09 14.95 7.91
C ALA A 369 -5.53 14.54 9.31
N GLY A 370 -5.92 13.28 9.46
CA GLY A 370 -6.37 12.81 10.76
C GLY A 370 -7.63 11.98 10.58
N THR A 371 -8.17 11.49 11.69
CA THR A 371 -9.37 10.64 11.64
C THR A 371 -10.57 11.13 12.46
N GLY A 372 -10.42 12.24 13.17
CA GLY A 372 -11.53 12.71 13.99
C GLY A 372 -12.41 13.80 13.42
N ASN A 373 -13.55 14.05 14.05
CA ASN A 373 -14.46 15.09 13.59
C ASN A 373 -13.67 16.38 13.47
N GLY A 374 -13.93 17.14 12.43
CA GLY A 374 -13.23 18.40 12.25
C GLY A 374 -11.91 18.27 11.53
N THR A 375 -11.52 17.03 11.20
CA THR A 375 -10.27 16.83 10.49
C THR A 375 -10.30 17.64 9.21
N LYS A 376 -9.18 18.25 8.89
CA LYS A 376 -9.04 19.06 7.69
C LYS A 376 -8.93 18.19 6.43
N VAL A 377 -9.70 18.55 5.40
CA VAL A 377 -9.67 17.81 4.13
C VAL A 377 -8.90 18.72 3.19
N GLN A 378 -7.85 18.18 2.59
CA GLN A 378 -6.94 18.95 1.73
C GLN A 378 -6.41 18.11 0.57
N ILE A 379 -5.41 18.65 -0.11
CA ILE A 379 -4.75 17.93 -1.18
C ILE A 379 -3.34 17.62 -0.70
N TYR A 380 -2.86 16.42 -1.04
CA TYR A 380 -1.52 16.01 -0.65
C TYR A 380 -1.05 15.02 -1.70
N SER A 381 0.27 14.93 -1.90
CA SER A 381 0.84 14.01 -2.87
C SER A 381 0.17 12.66 -2.74
N CYS A 382 -0.22 12.07 -3.87
CA CYS A 382 -0.86 10.76 -3.86
C CYS A 382 0.12 9.65 -3.47
N TRP A 383 -0.23 8.82 -2.49
CA TRP A 383 0.64 7.71 -2.12
C TRP A 383 -0.13 6.43 -1.80
N GLY A 384 -1.44 6.54 -1.63
CA GLY A 384 -2.25 5.35 -1.36
C GLY A 384 -2.68 5.08 0.06
N GLY A 385 -2.44 6.02 0.97
CA GLY A 385 -2.85 5.80 2.35
C GLY A 385 -4.38 5.75 2.43
N ASP A 386 -4.92 5.10 3.46
CA ASP A 386 -6.36 5.00 3.61
C ASP A 386 -7.01 6.37 3.88
N ASN A 387 -6.20 7.32 4.32
CA ASN A 387 -6.70 8.67 4.57
C ASN A 387 -6.80 9.41 3.25
N GLN A 388 -6.49 8.71 2.17
CA GLN A 388 -6.58 9.26 0.82
C GLN A 388 -7.53 8.43 -0.01
N LYS A 389 -8.25 7.52 0.64
CA LYS A 389 -9.19 6.66 -0.07
C LYS A 389 -10.59 6.96 0.40
N TRP A 390 -11.52 6.99 -0.55
CA TRP A 390 -12.90 7.34 -0.26
C TRP A 390 -13.90 6.37 -0.86
N ARG A 391 -15.09 6.35 -0.26
CA ARG A 391 -16.16 5.50 -0.71
C ARG A 391 -17.31 6.38 -1.18
N LEU A 392 -17.77 6.16 -2.41
CA LEU A 392 -18.87 6.96 -2.96
C LEU A 392 -20.20 6.26 -2.70
N ASN A 393 -20.89 6.66 -1.64
CA ASN A 393 -22.18 6.05 -1.32
C ASN A 393 -23.27 6.46 -2.27
N SER A 394 -24.24 5.56 -2.48
CA SER A 394 -25.34 5.84 -3.38
C SER A 394 -26.23 6.96 -2.86
N ASP A 395 -26.18 7.21 -1.55
CA ASP A 395 -27.00 8.27 -0.98
C ASP A 395 -26.40 9.66 -1.21
N GLY A 396 -25.24 9.70 -1.87
CA GLY A 396 -24.60 10.97 -2.15
C GLY A 396 -23.48 11.39 -1.22
N SER A 397 -23.30 10.68 -0.11
CA SER A 397 -22.23 11.01 0.81
C SER A 397 -20.91 10.39 0.34
N ILE A 398 -19.81 10.96 0.81
CA ILE A 398 -18.49 10.47 0.45
C ILE A 398 -17.79 10.21 1.76
N VAL A 399 -17.48 8.95 2.03
CA VAL A 399 -16.87 8.55 3.30
C VAL A 399 -15.39 8.20 3.24
N GLY A 400 -14.61 8.72 4.19
CA GLY A 400 -13.20 8.41 4.24
C GLY A 400 -13.01 6.97 4.69
N VAL A 401 -12.22 6.21 3.94
CA VAL A 401 -11.99 4.81 4.28
C VAL A 401 -11.39 4.65 5.67
N GLN A 402 -10.29 5.33 5.92
CA GLN A 402 -9.61 5.24 7.22
C GLN A 402 -10.44 5.75 8.39
N SER A 403 -11.06 6.91 8.22
CA SER A 403 -11.83 7.54 9.28
C SER A 403 -13.26 7.07 9.45
N GLY A 404 -13.88 6.61 8.37
CA GLY A 404 -15.27 6.19 8.45
C GLY A 404 -16.13 7.44 8.57
N LEU A 405 -15.52 8.60 8.38
CA LEU A 405 -16.21 9.89 8.46
C LEU A 405 -16.51 10.49 7.09
N CYS A 406 -17.55 11.33 7.05
CA CYS A 406 -18.04 11.98 5.83
C CYS A 406 -17.45 13.34 5.47
N LEU A 407 -17.38 13.64 4.17
CA LEU A 407 -16.93 14.93 3.70
C LEU A 407 -18.04 15.84 4.21
N ASP A 408 -17.66 16.97 4.79
CA ASP A 408 -18.64 17.87 5.38
C ASP A 408 -18.29 19.34 5.21
N ALA A 409 -19.23 20.11 4.66
CA ALA A 409 -19.03 21.53 4.48
C ALA A 409 -19.21 22.17 5.86
N VAL A 410 -18.13 22.73 6.39
CA VAL A 410 -18.12 23.33 7.71
C VAL A 410 -19.33 24.21 8.05
N GLY A 411 -19.96 23.87 9.18
CA GLY A 411 -21.13 24.62 9.65
C GLY A 411 -22.30 24.63 8.69
N GLY A 412 -22.30 23.69 7.74
CA GLY A 412 -23.38 23.66 6.77
C GLY A 412 -23.29 24.87 5.86
N GLY A 413 -22.11 25.47 5.81
CA GLY A 413 -21.90 26.64 4.97
C GLY A 413 -22.21 26.36 3.50
N THR A 414 -22.65 27.38 2.77
CA THR A 414 -22.99 27.23 1.37
C THR A 414 -22.29 28.23 0.47
N ALA A 415 -21.72 29.27 1.06
CA ALA A 415 -21.03 30.32 0.32
C ALA A 415 -19.64 29.94 -0.18
N ASN A 416 -19.12 30.70 -1.15
CA ASN A 416 -17.79 30.44 -1.68
C ASN A 416 -16.82 30.55 -0.51
N GLY A 417 -15.78 29.72 -0.50
CA GLY A 417 -14.81 29.81 0.58
C GLY A 417 -15.12 28.94 1.79
N THR A 418 -16.28 28.29 1.79
CA THR A 418 -16.63 27.39 2.91
C THR A 418 -15.62 26.25 2.85
N LEU A 419 -15.05 25.89 3.99
CA LEU A 419 -14.05 24.84 4.03
C LEU A 419 -14.66 23.46 4.18
N ILE A 420 -13.89 22.43 3.78
CA ILE A 420 -14.34 21.06 3.86
C ILE A 420 -13.59 20.33 4.97
N GLN A 421 -14.31 19.55 5.76
CA GLN A 421 -13.74 18.81 6.87
C GLN A 421 -14.35 17.41 6.92
N LEU A 422 -13.88 16.60 7.86
CA LEU A 422 -14.44 15.27 8.06
C LEU A 422 -15.36 15.39 9.27
N TYR A 423 -16.50 14.69 9.23
CA TYR A 423 -17.42 14.73 10.36
C TYR A 423 -18.37 13.55 10.31
N SER A 424 -18.85 13.12 11.47
CA SER A 424 -19.78 12.00 11.54
C SER A 424 -20.87 12.20 10.52
N CYS A 425 -21.12 11.15 9.75
CA CYS A 425 -22.12 11.19 8.70
C CYS A 425 -23.50 11.48 9.29
N SER A 426 -24.19 12.47 8.74
CA SER A 426 -25.49 12.87 9.24
C SER A 426 -26.60 12.92 8.21
N ASN A 427 -26.29 12.57 6.96
CA ASN A 427 -27.29 12.61 5.91
C ASN A 427 -27.73 14.06 5.66
N GLY A 428 -26.98 15.01 6.20
CA GLY A 428 -27.30 16.41 5.99
C GLY A 428 -26.97 16.80 4.56
N SER A 429 -27.55 17.89 4.07
CA SER A 429 -27.32 18.34 2.70
C SER A 429 -25.90 18.83 2.47
N ASN A 430 -25.19 19.14 3.55
CA ASN A 430 -23.82 19.63 3.43
C ASN A 430 -22.86 18.44 3.46
N GLN A 431 -23.42 17.24 3.37
CA GLN A 431 -22.63 16.01 3.36
C GLN A 431 -23.01 15.13 2.17
N ARG A 432 -23.87 15.66 1.29
CA ARG A 432 -24.28 14.92 0.10
C ARG A 432 -23.79 15.63 -1.16
N TRP A 433 -23.31 14.86 -2.12
CA TRP A 433 -22.76 15.43 -3.35
C TRP A 433 -23.33 14.78 -4.61
N THR A 434 -23.27 15.51 -5.72
CA THR A 434 -23.79 14.99 -6.99
C THR A 434 -22.94 15.48 -8.16
N ARG A 435 -23.32 15.06 -9.36
CA ARG A 435 -22.61 15.45 -10.57
C ARG A 435 -23.25 16.70 -11.15
N THR A 436 -22.44 17.55 -11.78
CA THR A 436 -22.95 18.77 -12.37
C THR A 436 -23.56 18.47 -13.75
N ALA B 1 32.04 8.75 -6.74
CA ALA B 1 31.30 7.48 -6.67
C ALA B 1 29.81 7.75 -6.58
N GLU B 2 29.31 8.53 -7.54
CA GLU B 2 27.90 8.92 -7.61
C GLU B 2 26.87 7.77 -7.66
N SER B 3 27.27 6.56 -7.31
CA SER B 3 26.32 5.44 -7.35
C SER B 3 25.59 5.20 -6.02
N THR B 4 26.09 5.80 -4.94
CA THR B 4 25.46 5.65 -3.62
C THR B 4 25.12 7.02 -3.05
N LEU B 5 24.15 7.08 -2.14
CA LEU B 5 23.72 8.34 -1.54
C LEU B 5 24.86 9.07 -0.84
N GLY B 6 25.62 8.35 -0.01
CA GLY B 6 26.73 8.97 0.69
C GLY B 6 27.78 9.55 -0.24
N ALA B 7 28.20 8.75 -1.21
CA ALA B 7 29.21 9.18 -2.17
C ALA B 7 28.74 10.36 -3.01
N ALA B 8 27.47 10.35 -3.41
CA ALA B 8 26.92 11.44 -4.20
C ALA B 8 26.86 12.72 -3.36
N ALA B 9 26.42 12.59 -2.11
CA ALA B 9 26.33 13.72 -1.21
C ALA B 9 27.71 14.34 -1.03
N ALA B 10 28.73 13.48 -0.97
CA ALA B 10 30.11 13.93 -0.79
C ALA B 10 30.59 14.77 -1.98
N GLN B 11 29.92 14.63 -3.13
CA GLN B 11 30.29 15.40 -4.31
C GLN B 11 30.00 16.88 -4.13
N SER B 12 29.26 17.22 -3.07
CA SER B 12 28.95 18.62 -2.78
C SER B 12 29.46 18.94 -1.39
N GLY B 13 30.33 18.05 -0.88
CA GLY B 13 30.91 18.23 0.44
C GLY B 13 29.96 17.90 1.58
N ARG B 14 28.89 17.19 1.26
CA ARG B 14 27.91 16.81 2.28
C ARG B 14 27.88 15.32 2.56
N TYR B 15 27.15 14.93 3.61
CA TYR B 15 27.02 13.53 3.97
C TYR B 15 25.56 13.12 3.84
N PHE B 16 25.33 11.82 3.80
CA PHE B 16 23.97 11.32 3.77
C PHE B 16 23.96 10.17 4.76
N GLY B 17 23.13 10.28 5.79
CA GLY B 17 23.09 9.24 6.79
C GLY B 17 21.74 8.60 7.03
N THR B 18 21.69 7.75 8.05
CA THR B 18 20.47 7.06 8.44
C THR B 18 20.49 6.81 9.94
N ALA B 19 19.39 6.30 10.46
CA ALA B 19 19.29 5.97 11.87
C ALA B 19 19.52 4.46 11.95
N ILE B 20 20.45 4.05 12.81
CA ILE B 20 20.76 2.63 12.96
C ILE B 20 20.19 2.08 14.26
N ALA B 21 19.62 0.88 14.19
CA ALA B 21 19.06 0.21 15.36
C ALA B 21 19.97 -1.00 15.58
N SER B 22 20.57 -1.08 16.77
CA SER B 22 21.49 -2.18 17.07
C SER B 22 20.90 -3.57 16.90
N GLY B 23 19.63 -3.73 17.24
CA GLY B 23 18.99 -5.03 17.12
C GLY B 23 18.79 -5.51 15.69
N LYS B 24 19.12 -4.65 14.72
CA LYS B 24 18.95 -5.00 13.32
C LYS B 24 20.30 -5.22 12.63
N LEU B 25 21.38 -5.00 13.37
CA LEU B 25 22.72 -5.16 12.80
C LEU B 25 23.06 -6.60 12.43
N GLY B 26 22.30 -7.54 12.98
CA GLY B 26 22.53 -8.95 12.68
C GLY B 26 21.80 -9.38 11.41
N ASP B 27 21.00 -8.47 10.85
CA ASP B 27 20.24 -8.73 9.63
C ASP B 27 21.11 -8.28 8.45
N SER B 28 21.67 -9.25 7.73
CA SER B 28 22.56 -8.96 6.59
C SER B 28 22.01 -8.01 5.54
N ALA B 29 20.74 -8.16 5.20
CA ALA B 29 20.12 -7.31 4.21
C ALA B 29 20.13 -5.86 4.72
N TYR B 30 19.92 -5.70 6.02
CA TYR B 30 19.90 -4.38 6.64
C TYR B 30 21.28 -3.71 6.61
N THR B 31 22.30 -4.41 7.09
CA THR B 31 23.65 -3.88 7.13
C THR B 31 24.27 -3.70 5.75
N THR B 32 23.91 -4.57 4.80
CA THR B 32 24.46 -4.45 3.45
C THR B 32 24.03 -3.09 2.89
N ILE B 33 22.74 -2.79 3.00
CA ILE B 33 22.23 -1.52 2.51
C ILE B 33 22.80 -0.34 3.30
N ALA B 34 22.78 -0.45 4.62
CA ALA B 34 23.27 0.61 5.50
C ALA B 34 24.74 0.96 5.31
N SER B 35 25.62 -0.04 5.26
CA SER B 35 27.03 0.23 5.08
C SER B 35 27.34 0.81 3.71
N ARG B 36 26.67 0.31 2.69
CA ARG B 36 26.88 0.77 1.31
C ARG B 36 26.41 2.20 1.00
N GLU B 37 25.21 2.54 1.48
CA GLU B 37 24.58 3.83 1.18
C GLU B 37 24.84 5.07 2.02
N PHE B 38 25.23 4.91 3.28
CA PHE B 38 25.42 6.06 4.14
C PHE B 38 26.83 6.25 4.68
N ASN B 39 27.19 7.51 4.96
CA ASN B 39 28.49 7.83 5.52
C ASN B 39 28.32 8.60 6.84
N MET B 40 27.12 8.55 7.39
CA MET B 40 26.81 9.20 8.67
C MET B 40 25.80 8.34 9.40
N VAL B 41 25.98 8.19 10.71
CA VAL B 41 25.10 7.35 11.50
C VAL B 41 24.59 8.01 12.78
N THR B 42 23.31 7.79 13.07
CA THR B 42 22.68 8.28 14.30
C THR B 42 22.09 7.03 14.95
N ALA B 43 22.29 6.87 16.25
CA ALA B 43 21.72 5.71 16.94
C ALA B 43 20.25 6.07 17.10
N GLU B 44 19.36 5.25 16.55
CA GLU B 44 17.94 5.54 16.63
C GLU B 44 17.39 5.67 18.07
N ASN B 45 17.92 4.88 19.00
CA ASN B 45 17.45 4.92 20.38
C ASN B 45 18.52 4.67 21.43
N GLU B 46 19.59 3.98 21.02
CA GLU B 46 20.69 3.61 21.92
C GLU B 46 21.49 4.66 22.65
N MET B 47 21.38 5.92 22.26
CA MET B 47 22.14 6.95 22.95
C MET B 47 21.22 7.93 23.68
N LYS B 48 19.95 7.56 23.77
CA LYS B 48 18.97 8.39 24.46
C LYS B 48 19.23 8.33 25.97
N ILE B 49 18.49 9.15 26.72
CA ILE B 49 18.67 9.23 28.15
C ILE B 49 18.39 7.96 28.95
N ASP B 50 17.28 7.31 28.68
CA ASP B 50 16.94 6.10 29.43
C ASP B 50 17.91 4.96 29.11
N ALA B 51 18.44 4.96 27.88
CA ALA B 51 19.38 3.94 27.46
C ALA B 51 20.79 4.14 28.01
N THR B 52 21.19 5.39 28.21
CA THR B 52 22.53 5.68 28.69
C THR B 52 22.67 5.88 30.20
N GLU B 53 21.56 6.12 30.90
CA GLU B 53 21.63 6.30 32.35
C GLU B 53 20.36 5.68 32.96
N PRO B 54 20.27 4.34 32.95
CA PRO B 54 19.16 3.52 33.48
C PRO B 54 18.76 3.89 34.90
N GLN B 55 19.75 4.22 35.71
CA GLN B 55 19.51 4.63 37.09
C GLN B 55 20.39 5.85 37.32
N ARG B 56 19.98 6.72 38.23
CA ARG B 56 20.72 7.94 38.50
C ARG B 56 22.18 7.69 38.89
N GLY B 57 23.09 8.24 38.08
CA GLY B 57 24.51 8.09 38.33
C GLY B 57 25.06 6.79 37.80
N GLN B 58 24.20 5.97 37.19
CA GLN B 58 24.63 4.69 36.65
C GLN B 58 24.53 4.68 35.14
N PHE B 59 25.64 4.99 34.47
CA PHE B 59 25.66 5.03 33.02
C PHE B 59 25.83 3.64 32.40
N ASN B 60 25.30 3.49 31.18
CA ASN B 60 25.39 2.23 30.44
C ASN B 60 25.53 2.58 28.96
N PHE B 61 26.65 2.19 28.36
CA PHE B 61 26.90 2.50 26.95
C PHE B 61 27.00 1.28 26.04
N SER B 62 26.63 0.11 26.53
CA SER B 62 26.71 -1.11 25.73
C SER B 62 25.94 -0.98 24.40
N ALA B 63 24.68 -0.59 24.46
CA ALA B 63 23.86 -0.44 23.26
C ALA B 63 24.40 0.66 22.35
N GLY B 64 24.77 1.79 22.94
CA GLY B 64 25.29 2.89 22.16
C GLY B 64 26.59 2.55 21.45
N ASP B 65 27.46 1.81 22.14
CA ASP B 65 28.75 1.43 21.56
C ASP B 65 28.61 0.44 20.41
N ARG B 66 27.60 -0.42 20.45
CA ARG B 66 27.37 -1.36 19.36
C ARG B 66 27.12 -0.56 18.07
N VAL B 67 26.31 0.48 18.20
CA VAL B 67 26.01 1.34 17.06
C VAL B 67 27.27 2.09 16.65
N TYR B 68 27.92 2.71 17.63
CA TYR B 68 29.13 3.47 17.37
C TYR B 68 30.21 2.61 16.71
N ASN B 69 30.51 1.44 17.28
CA ASN B 69 31.53 0.57 16.72
C ASN B 69 31.21 0.18 15.28
N TRP B 70 29.95 -0.11 15.00
CA TRP B 70 29.54 -0.49 13.65
C TRP B 70 29.77 0.67 12.69
N ALA B 71 29.44 1.88 13.14
CA ALA B 71 29.61 3.07 12.32
C ALA B 71 31.08 3.28 11.91
N VAL B 72 31.97 3.38 12.90
CA VAL B 72 33.39 3.59 12.61
C VAL B 72 33.99 2.44 11.82
N GLN B 73 33.60 1.21 12.16
CA GLN B 73 34.08 0.04 11.47
C GLN B 73 33.79 0.16 9.97
N ASN B 74 32.64 0.74 9.64
CA ASN B 74 32.25 0.89 8.25
C ASN B 74 32.43 2.28 7.65
N GLY B 75 33.37 3.03 8.22
CA GLY B 75 33.68 4.36 7.73
C GLY B 75 32.62 5.44 7.84
N LYS B 76 31.83 5.45 8.90
CA LYS B 76 30.82 6.48 9.05
C LYS B 76 31.06 7.38 10.25
N GLN B 77 30.72 8.66 10.11
CA GLN B 77 30.83 9.60 11.21
C GLN B 77 29.57 9.33 12.03
N VAL B 78 29.47 9.93 13.22
CA VAL B 78 28.31 9.71 14.08
C VAL B 78 27.67 10.97 14.67
N ARG B 79 26.33 11.02 14.67
CA ARG B 79 25.61 12.14 15.29
C ARG B 79 25.08 11.60 16.61
N GLY B 80 25.43 12.23 17.72
CA GLY B 80 24.94 11.77 19.00
C GLY B 80 23.52 12.24 19.22
N HIS B 81 22.65 11.33 19.64
CA HIS B 81 21.23 11.62 19.87
C HIS B 81 20.71 10.86 21.10
N THR B 82 20.30 11.55 22.17
CA THR B 82 20.26 12.99 22.34
C THR B 82 20.50 13.18 23.85
N LEU B 83 21.07 14.33 24.25
CA LEU B 83 21.42 14.55 25.66
C LEU B 83 20.38 15.08 26.65
N ALA B 84 19.50 15.96 26.20
CA ALA B 84 18.47 16.52 27.09
C ALA B 84 17.16 16.52 26.34
N TRP B 85 16.16 15.87 26.92
CA TRP B 85 14.87 15.72 26.26
C TRP B 85 13.78 15.35 27.28
N HIS B 86 12.57 15.85 27.04
CA HIS B 86 11.42 15.61 27.91
C HIS B 86 10.84 14.20 27.75
N SER B 87 11.06 13.61 26.57
CA SER B 87 10.52 12.29 26.27
C SER B 87 11.50 11.14 26.48
N GLN B 88 10.96 9.94 26.70
CA GLN B 88 11.77 8.75 26.91
C GLN B 88 12.79 8.94 28.03
N GLN B 89 12.40 9.64 29.08
CA GLN B 89 13.29 9.85 30.22
C GLN B 89 13.15 8.61 31.11
N PRO B 90 14.25 8.16 31.72
CA PRO B 90 14.08 6.99 32.59
C PRO B 90 13.16 7.37 33.74
N GLY B 91 12.52 6.39 34.35
CA GLY B 91 11.61 6.66 35.45
C GLY B 91 12.18 7.54 36.55
N TRP B 92 13.42 7.30 36.96
CA TRP B 92 14.02 8.10 38.03
C TRP B 92 14.13 9.58 37.67
N MET B 93 14.29 9.88 36.38
CA MET B 93 14.40 11.26 35.95
C MET B 93 13.03 11.91 35.83
N GLN B 94 12.03 11.12 35.40
CA GLN B 94 10.67 11.63 35.25
C GLN B 94 10.14 12.12 36.59
N SER B 95 10.61 11.51 37.68
CA SER B 95 10.19 11.87 39.02
C SER B 95 10.87 13.14 39.53
N LEU B 96 11.80 13.67 38.75
CA LEU B 96 12.54 14.86 39.18
C LEU B 96 11.99 16.19 38.70
N SER B 97 12.29 17.24 39.46
CA SER B 97 11.88 18.60 39.12
C SER B 97 12.80 19.58 39.85
N GLY B 98 12.72 20.86 39.48
CA GLY B 98 13.53 21.87 40.14
C GLY B 98 15.04 21.69 40.02
N SER B 99 15.77 22.13 41.02
CA SER B 99 17.23 22.05 41.00
C SER B 99 17.78 20.64 40.96
N THR B 100 17.07 19.68 41.54
CA THR B 100 17.55 18.30 41.52
C THR B 100 17.55 17.80 40.06
N LEU B 101 16.51 18.16 39.32
CA LEU B 101 16.40 17.76 37.92
C LEU B 101 17.48 18.48 37.12
N ARG B 102 17.66 19.77 37.40
CA ARG B 102 18.66 20.57 36.70
C ARG B 102 20.05 19.98 36.83
N GLN B 103 20.42 19.54 38.04
CA GLN B 103 21.74 18.97 38.22
C GLN B 103 21.82 17.59 37.55
N ALA B 104 20.73 16.85 37.58
CA ALA B 104 20.69 15.53 36.96
C ALA B 104 20.89 15.69 35.45
N MET B 105 20.30 16.74 34.89
CA MET B 105 20.42 17.01 33.45
C MET B 105 21.89 17.29 33.15
N ILE B 106 22.51 18.09 34.00
CA ILE B 106 23.92 18.44 33.85
C ILE B 106 24.81 17.21 33.98
N ASP B 107 24.58 16.41 35.03
CA ASP B 107 25.36 15.21 35.25
C ASP B 107 25.24 14.22 34.09
N HIS B 108 24.06 14.15 33.47
CA HIS B 108 23.83 13.22 32.36
C HIS B 108 24.64 13.64 31.14
N ILE B 109 24.62 14.93 30.83
CA ILE B 109 25.36 15.47 29.69
C ILE B 109 26.85 15.18 29.87
N ASN B 110 27.36 15.50 31.05
CA ASN B 110 28.77 15.26 31.35
C ASN B 110 29.12 13.78 31.18
N GLY B 111 28.33 12.91 31.78
CA GLY B 111 28.59 11.47 31.69
C GLY B 111 28.61 10.89 30.29
N VAL B 112 27.57 11.16 29.51
CA VAL B 112 27.48 10.64 28.15
C VAL B 112 28.51 11.26 27.20
N MET B 113 28.67 12.58 27.25
CA MET B 113 29.65 13.23 26.37
C MET B 113 31.06 12.84 26.78
N GLY B 114 31.25 12.65 28.08
CA GLY B 114 32.56 12.25 28.56
C GLY B 114 32.94 10.91 27.95
N HIS B 115 31.98 9.99 27.90
CA HIS B 115 32.22 8.67 27.33
C HIS B 115 32.58 8.74 25.84
N TYR B 116 31.90 9.61 25.10
CA TYR B 116 32.13 9.75 23.65
C TYR B 116 33.02 10.93 23.25
N LYS B 117 33.71 11.50 24.22
CA LYS B 117 34.57 12.67 23.97
C LYS B 117 35.47 12.53 22.74
N GLY B 118 35.36 13.47 21.82
CA GLY B 118 36.18 13.46 20.62
C GLY B 118 35.82 12.44 19.56
N LYS B 119 34.74 11.71 19.77
CA LYS B 119 34.33 10.69 18.81
C LYS B 119 33.07 11.04 18.05
N ILE B 120 32.37 12.08 18.49
CA ILE B 120 31.10 12.49 17.88
C ILE B 120 31.17 13.78 17.06
N ALA B 121 30.71 13.71 15.81
CA ALA B 121 30.72 14.87 14.91
C ALA B 121 29.68 15.91 15.32
N GLN B 122 28.47 15.46 15.63
CA GLN B 122 27.39 16.35 16.04
C GLN B 122 26.62 15.74 17.22
N TRP B 123 26.19 16.59 18.14
CA TRP B 123 25.40 16.14 19.28
C TRP B 123 24.09 16.92 19.27
N ASP B 124 22.97 16.21 19.41
CA ASP B 124 21.70 16.90 19.52
C ASP B 124 21.66 17.10 21.03
N VAL B 125 22.17 18.24 21.48
CA VAL B 125 22.22 18.54 22.92
C VAL B 125 20.83 18.60 23.52
N VAL B 126 19.98 19.43 22.94
CA VAL B 126 18.61 19.55 23.43
C VAL B 126 17.68 19.15 22.30
N ASN B 127 16.68 18.36 22.62
CA ASN B 127 15.74 17.87 21.64
C ASN B 127 14.30 18.27 21.93
N GLU B 128 13.60 18.75 20.91
CA GLU B 128 12.18 19.12 21.02
C GLU B 128 11.78 19.93 22.24
N ALA B 129 12.39 21.10 22.40
CA ALA B 129 12.09 21.97 23.55
C ALA B 129 10.94 22.94 23.30
N PHE B 130 10.44 23.01 22.08
CA PHE B 130 9.33 23.92 21.81
C PHE B 130 7.97 23.22 21.65
N SER B 131 6.92 23.98 21.96
CA SER B 131 5.55 23.50 21.91
C SER B 131 4.92 23.41 20.51
N ASP B 132 3.89 22.57 20.41
CA ASP B 132 3.13 22.38 19.18
C ASP B 132 1.75 23.03 19.31
N ASP B 133 1.48 23.71 20.43
CA ASP B 133 0.16 24.31 20.59
C ASP B 133 -0.17 25.30 19.50
N GLY B 134 0.85 25.87 18.87
CA GLY B 134 0.63 26.81 17.79
C GLY B 134 1.18 28.20 18.00
N SER B 135 1.60 28.51 19.23
CA SER B 135 2.14 29.82 19.54
C SER B 135 3.67 29.91 19.52
N GLY B 136 4.34 28.79 19.32
CA GLY B 136 5.79 28.81 19.25
C GLY B 136 6.54 29.08 20.54
N GLY B 137 5.93 28.75 21.68
CA GLY B 137 6.59 28.97 22.95
C GLY B 137 7.27 27.70 23.40
N ARG B 138 7.85 27.71 24.59
CA ARG B 138 8.54 26.54 25.12
C ARG B 138 7.56 25.43 25.48
N ARG B 139 8.01 24.19 25.33
CA ARG B 139 7.18 23.06 25.69
C ARG B 139 7.22 22.96 27.20
N ASP B 140 6.07 22.82 27.83
CA ASP B 140 6.03 22.69 29.28
C ASP B 140 6.40 21.26 29.67
N SER B 141 7.60 21.08 30.20
CA SER B 141 8.09 19.78 30.64
C SER B 141 8.77 19.97 31.99
N ASN B 142 9.21 18.90 32.62
CA ASN B 142 9.88 19.04 33.91
C ASN B 142 11.17 19.84 33.70
N LEU B 143 11.78 19.67 32.54
CA LEU B 143 13.01 20.40 32.21
C LEU B 143 12.73 21.90 32.10
N GLN B 144 11.67 22.27 31.39
CA GLN B 144 11.33 23.67 31.22
C GLN B 144 10.95 24.31 32.55
N ARG B 145 10.35 23.54 33.45
CA ARG B 145 9.95 24.08 34.75
C ARG B 145 11.10 24.33 35.71
N THR B 146 12.31 23.85 35.36
CA THR B 146 13.47 24.08 36.21
C THR B 146 13.95 25.51 35.96
N GLY B 147 13.46 26.10 34.87
CA GLY B 147 13.85 27.45 34.53
C GLY B 147 14.07 27.55 33.02
N ASN B 148 13.69 28.69 32.46
CA ASN B 148 13.82 28.92 31.02
C ASN B 148 15.25 28.80 30.52
N ASP B 149 16.21 28.99 31.41
CA ASP B 149 17.63 28.93 31.06
C ASP B 149 18.20 27.50 30.96
N TRP B 150 17.36 26.48 31.11
CA TRP B 150 17.88 25.11 31.07
C TRP B 150 18.56 24.74 29.76
N ILE B 151 18.03 25.25 28.64
CA ILE B 151 18.60 24.95 27.33
C ILE B 151 20.00 25.56 27.22
N GLU B 152 20.12 26.82 27.61
CA GLU B 152 21.40 27.51 27.55
C GLU B 152 22.43 26.76 28.39
N VAL B 153 21.99 26.34 29.58
CA VAL B 153 22.84 25.62 30.51
C VAL B 153 23.30 24.31 29.89
N ALA B 154 22.40 23.60 29.23
CA ALA B 154 22.74 22.33 28.59
C ALA B 154 23.85 22.56 27.55
N PHE B 155 23.71 23.60 26.75
CA PHE B 155 24.70 23.90 25.72
C PHE B 155 26.05 24.31 26.32
N ARG B 156 26.03 25.15 27.36
CA ARG B 156 27.29 25.56 27.99
C ARG B 156 27.95 24.32 28.62
N THR B 157 27.14 23.42 29.14
CA THR B 157 27.66 22.19 29.74
C THR B 157 28.28 21.31 28.66
N ALA B 158 27.61 21.19 27.53
CA ALA B 158 28.09 20.37 26.42
C ALA B 158 29.41 20.87 25.85
N ARG B 159 29.52 22.16 25.59
CA ARG B 159 30.76 22.72 25.04
C ARG B 159 31.95 22.36 25.93
N ALA B 160 31.76 22.49 27.23
CA ALA B 160 32.81 22.18 28.20
C ALA B 160 33.13 20.69 28.25
N ALA B 161 32.11 19.85 28.11
CA ALA B 161 32.29 18.40 28.15
C ALA B 161 33.10 17.89 26.95
N ASP B 162 32.80 18.39 25.76
CA ASP B 162 33.53 17.98 24.56
C ASP B 162 33.55 19.12 23.56
N PRO B 163 34.59 19.97 23.64
CA PRO B 163 34.69 21.10 22.72
C PRO B 163 34.92 20.74 21.25
N ALA B 164 35.10 19.45 20.95
CA ALA B 164 35.33 19.01 19.57
C ALA B 164 34.03 18.76 18.82
N ALA B 165 32.95 18.52 19.56
CA ALA B 165 31.66 18.24 18.94
C ALA B 165 30.85 19.48 18.55
N LYS B 166 30.17 19.40 17.41
CA LYS B 166 29.30 20.47 16.96
C LYS B 166 28.04 20.30 17.80
N LEU B 167 27.57 21.39 18.41
CA LEU B 167 26.40 21.35 19.27
C LEU B 167 25.13 21.80 18.57
N CYS B 168 24.18 20.88 18.41
CA CYS B 168 22.93 21.19 17.72
C CYS B 168 21.69 21.21 18.60
N TYR B 169 20.75 22.06 18.22
CA TYR B 169 19.45 22.10 18.86
C TYR B 169 18.64 21.34 17.83
N ASN B 170 17.90 20.32 18.26
CA ASN B 170 17.12 19.49 17.33
C ASN B 170 15.63 19.56 17.63
N ASP B 171 14.81 19.63 16.58
CA ASP B 171 13.36 19.69 16.77
C ASP B 171 12.59 19.37 15.50
N TYR B 172 11.28 19.18 15.63
CA TYR B 172 10.43 18.90 14.47
C TYR B 172 9.40 20.01 14.27
N ASN B 173 8.73 19.99 13.12
CA ASN B 173 7.73 21.01 12.81
C ASN B 173 8.33 22.41 12.87
N ILE B 174 9.59 22.52 12.45
CA ILE B 174 10.27 23.80 12.42
C ILE B 174 10.85 24.00 11.02
N GLU B 175 10.24 23.34 10.03
CA GLU B 175 10.69 23.46 8.66
C GLU B 175 9.93 24.54 7.88
N ASN B 176 8.64 24.69 8.16
CA ASN B 176 7.83 25.70 7.49
C ASN B 176 8.05 27.03 8.20
N TRP B 177 8.54 28.03 7.46
CA TRP B 177 8.81 29.33 8.07
C TRP B 177 7.61 30.01 8.73
N THR B 178 6.42 29.82 8.16
CA THR B 178 5.22 30.44 8.69
C THR B 178 4.76 29.90 10.04
N TRP B 179 5.32 28.77 10.47
CA TRP B 179 4.94 28.18 11.75
C TRP B 179 5.55 28.96 12.90
N ALA B 180 4.76 29.21 13.93
CA ALA B 180 5.24 29.94 15.10
C ALA B 180 6.42 29.21 15.75
N LYS B 181 6.32 27.88 15.80
CA LYS B 181 7.37 27.05 16.40
C LYS B 181 8.72 27.31 15.72
N THR B 182 8.72 27.32 14.39
CA THR B 182 9.94 27.58 13.64
C THR B 182 10.53 28.91 14.09
N GLN B 183 9.68 29.92 14.17
CA GLN B 183 10.12 31.25 14.57
C GLN B 183 10.54 31.36 16.03
N GLY B 184 9.90 30.58 16.90
CA GLY B 184 10.28 30.60 18.30
C GLY B 184 11.71 30.06 18.40
N VAL B 185 12.00 29.00 17.64
CA VAL B 185 13.34 28.41 17.66
C VAL B 185 14.35 29.39 17.07
N TYR B 186 13.97 30.10 16.01
CA TYR B 186 14.85 31.08 15.39
C TYR B 186 15.24 32.13 16.42
N ASN B 187 14.26 32.68 17.12
CA ASN B 187 14.53 33.69 18.13
C ASN B 187 15.48 33.21 19.23
N MET B 188 15.34 31.95 19.61
CA MET B 188 16.21 31.41 20.66
C MET B 188 17.65 31.29 20.17
N VAL B 189 17.84 30.70 18.99
CA VAL B 189 19.19 30.56 18.46
C VAL B 189 19.83 31.92 18.25
N ARG B 190 19.03 32.88 17.77
CA ARG B 190 19.57 34.21 17.54
C ARG B 190 20.06 34.77 18.88
N ASP B 191 19.25 34.61 19.91
CA ASP B 191 19.57 35.08 21.24
C ASP B 191 20.87 34.43 21.74
N PHE B 192 20.99 33.13 21.55
CA PHE B 192 22.18 32.40 21.96
C PHE B 192 23.41 32.99 21.30
N LYS B 193 23.35 33.17 19.99
CA LYS B 193 24.48 33.73 19.25
C LYS B 193 24.83 35.12 19.77
N GLN B 194 23.82 35.95 20.00
CA GLN B 194 24.04 37.30 20.50
C GLN B 194 24.67 37.34 21.89
N ARG B 195 24.38 36.33 22.71
CA ARG B 195 24.91 36.29 24.06
C ARG B 195 26.10 35.34 24.24
N GLY B 196 26.62 34.81 23.15
CA GLY B 196 27.75 33.92 23.26
C GLY B 196 27.43 32.54 23.81
N VAL B 197 26.15 32.15 23.77
CA VAL B 197 25.79 30.81 24.25
C VAL B 197 26.32 29.90 23.14
N PRO B 198 27.14 28.89 23.50
CA PRO B 198 27.69 27.99 22.49
C PRO B 198 26.73 27.02 21.80
N ILE B 199 26.35 27.35 20.56
CA ILE B 199 25.47 26.51 19.75
C ILE B 199 26.03 26.58 18.34
N ASP B 200 26.25 25.41 17.73
CA ASP B 200 26.85 25.34 16.40
C ASP B 200 25.92 24.95 15.25
N CYS B 201 24.80 24.31 15.58
CA CYS B 201 23.89 23.86 14.54
C CYS B 201 22.45 23.72 15.00
N VAL B 202 21.57 23.64 14.01
CA VAL B 202 20.15 23.43 14.27
C VAL B 202 19.76 22.23 13.43
N GLY B 203 19.20 21.22 14.07
CA GLY B 203 18.77 20.05 13.34
C GLY B 203 17.28 20.11 13.05
N PHE B 204 16.94 19.99 11.77
CA PHE B 204 15.55 20.03 11.34
C PHE B 204 15.15 18.58 11.10
N GLN B 205 14.43 17.99 12.06
CA GLN B 205 14.01 16.60 11.95
C GLN B 205 13.43 16.28 10.59
N SER B 206 12.59 17.17 10.08
CA SER B 206 11.98 17.00 8.78
C SER B 206 11.11 15.74 8.65
N HIS B 207 10.20 15.56 9.59
CA HIS B 207 9.26 14.44 9.55
C HIS B 207 8.05 15.03 8.83
N PHE B 208 7.97 14.82 7.52
CA PHE B 208 6.88 15.35 6.72
C PHE B 208 5.74 14.38 6.46
N ASN B 209 4.52 14.88 6.62
CA ASN B 209 3.30 14.09 6.40
C ASN B 209 2.17 15.07 6.13
N SER B 210 0.99 14.57 5.75
CA SER B 210 -0.10 15.48 5.42
C SER B 210 -0.52 16.38 6.59
N GLY B 211 -0.10 16.04 7.81
CA GLY B 211 -0.42 16.87 8.96
C GLY B 211 0.52 18.06 9.04
N SER B 212 1.77 17.83 8.64
CA SER B 212 2.80 18.87 8.64
C SER B 212 3.59 18.65 7.36
N PRO B 213 2.99 19.01 6.22
CA PRO B 213 3.59 18.87 4.89
C PRO B 213 4.81 19.72 4.58
N TYR B 214 5.63 19.23 3.66
CA TYR B 214 6.80 19.95 3.21
C TYR B 214 6.27 21.17 2.47
N ASN B 215 7.02 22.25 2.54
CA ASN B 215 6.64 23.48 1.85
C ASN B 215 7.92 24.09 1.30
N SER B 216 7.86 24.62 0.09
CA SER B 216 9.04 25.21 -0.54
C SER B 216 9.73 26.29 0.32
N ASN B 217 9.00 26.95 1.21
CA ASN B 217 9.64 27.98 2.01
C ASN B 217 10.69 27.39 2.95
N PHE B 218 10.80 26.06 2.98
CA PHE B 218 11.80 25.40 3.82
C PHE B 218 13.17 25.95 3.47
N ARG B 219 13.39 26.25 2.19
CA ARG B 219 14.68 26.79 1.79
C ARG B 219 14.97 28.10 2.50
N THR B 220 13.95 28.96 2.67
CA THR B 220 14.19 30.23 3.34
C THR B 220 14.47 29.98 4.82
N THR B 221 13.79 29.00 5.40
CA THR B 221 14.01 28.66 6.80
C THR B 221 15.49 28.33 6.99
N LEU B 222 16.00 27.43 6.15
CA LEU B 222 17.40 27.03 6.24
C LEU B 222 18.31 28.24 6.05
N GLN B 223 18.01 29.08 5.06
CA GLN B 223 18.80 30.27 4.80
C GLN B 223 18.77 31.19 6.02
N ASN B 224 17.58 31.34 6.61
CA ASN B 224 17.42 32.20 7.78
C ASN B 224 18.29 31.75 8.95
N PHE B 225 18.28 30.45 9.26
CA PHE B 225 19.09 29.98 10.38
C PHE B 225 20.58 30.04 10.03
N ALA B 226 20.92 29.70 8.79
CA ALA B 226 22.32 29.74 8.36
C ALA B 226 22.91 31.13 8.53
N ALA B 227 22.10 32.15 8.28
CA ALA B 227 22.55 33.54 8.39
C ALA B 227 22.90 33.94 9.83
N LEU B 228 22.38 33.19 10.81
CA LEU B 228 22.66 33.47 12.22
C LEU B 228 24.07 33.01 12.58
N GLY B 229 24.74 32.35 11.64
CA GLY B 229 26.08 31.89 11.92
C GLY B 229 26.14 30.47 12.46
N VAL B 230 25.16 29.65 12.12
CA VAL B 230 25.15 28.25 12.57
C VAL B 230 24.96 27.34 11.37
N ASP B 231 25.41 26.10 11.49
CA ASP B 231 25.22 25.15 10.40
C ASP B 231 23.83 24.56 10.59
N VAL B 232 23.29 23.98 9.53
CA VAL B 232 21.98 23.37 9.61
C VAL B 232 22.06 21.95 9.06
N ALA B 233 21.23 21.05 9.59
CA ALA B 233 21.23 19.67 9.14
C ALA B 233 19.84 19.10 9.16
N ILE B 234 19.54 18.28 8.17
CA ILE B 234 18.25 17.59 8.06
C ILE B 234 18.58 16.30 8.80
N THR B 235 18.04 16.18 10.00
CA THR B 235 18.35 15.09 10.90
C THR B 235 17.54 13.81 10.94
N GLU B 236 16.24 13.88 10.67
CA GLU B 236 15.40 12.68 10.77
C GLU B 236 14.41 12.59 9.62
N LEU B 237 14.90 12.86 8.43
CA LEU B 237 14.09 12.87 7.24
C LEU B 237 13.32 11.61 6.92
N ASP B 238 12.02 11.79 6.73
CA ASP B 238 11.10 10.76 6.26
C ASP B 238 9.85 11.49 5.80
N ILE B 239 9.32 11.04 4.67
CA ILE B 239 8.16 11.67 4.04
C ILE B 239 7.02 10.68 3.86
N GLN B 240 5.89 10.97 4.48
CA GLN B 240 4.73 10.10 4.36
C GLN B 240 4.40 9.91 2.88
N GLY B 241 4.49 8.68 2.40
CA GLY B 241 4.19 8.42 1.00
C GLY B 241 5.45 8.35 0.15
N ALA B 242 6.56 8.85 0.70
CA ALA B 242 7.85 8.83 0.02
C ALA B 242 7.82 9.44 -1.38
N SER B 243 7.12 10.56 -1.52
CA SER B 243 7.02 11.25 -2.80
C SER B 243 8.41 11.51 -3.39
N SER B 244 8.58 11.15 -4.65
CA SER B 244 9.86 11.36 -5.33
C SER B 244 10.17 12.85 -5.43
N SER B 245 9.15 13.64 -5.76
CA SER B 245 9.32 15.09 -5.89
C SER B 245 9.71 15.75 -4.57
N THR B 246 9.01 15.37 -3.50
CA THR B 246 9.28 15.95 -2.19
C THR B 246 10.65 15.54 -1.70
N TYR B 247 11.04 14.29 -1.94
CA TYR B 247 12.35 13.85 -1.52
C TYR B 247 13.43 14.62 -2.27
N ALA B 248 13.22 14.85 -3.56
CA ALA B 248 14.20 15.61 -4.34
C ALA B 248 14.21 17.07 -3.94
N ALA B 249 13.03 17.60 -3.63
CA ALA B 249 12.89 19.00 -3.24
C ALA B 249 13.67 19.30 -1.97
N VAL B 250 13.51 18.45 -0.96
CA VAL B 250 14.21 18.60 0.31
C VAL B 250 15.71 18.49 0.07
N THR B 251 16.10 17.55 -0.78
CA THR B 251 17.52 17.37 -1.08
C THR B 251 18.06 18.64 -1.74
N ASN B 252 17.34 19.16 -2.71
CA ASN B 252 17.78 20.38 -3.38
C ASN B 252 17.80 21.58 -2.45
N ASP B 253 16.94 21.58 -1.44
CA ASP B 253 16.95 22.69 -0.49
C ASP B 253 18.26 22.71 0.26
N CYS B 254 18.71 21.54 0.72
CA CYS B 254 19.97 21.45 1.44
C CYS B 254 21.15 21.80 0.54
N LEU B 255 21.11 21.39 -0.73
CA LEU B 255 22.19 21.69 -1.66
C LEU B 255 22.27 23.16 -2.02
N ALA B 256 21.19 23.89 -1.77
CA ALA B 256 21.13 25.32 -2.07
C ALA B 256 21.66 26.18 -0.91
N VAL B 257 21.82 25.57 0.25
CA VAL B 257 22.29 26.28 1.45
C VAL B 257 23.68 25.77 1.84
N SER B 258 24.71 26.58 1.55
CA SER B 258 26.08 26.19 1.84
C SER B 258 26.31 25.63 3.23
N ARG B 259 25.59 26.17 4.22
CA ARG B 259 25.73 25.71 5.60
C ARG B 259 24.95 24.44 5.92
N CYS B 260 24.23 23.87 4.96
CA CYS B 260 23.50 22.62 5.21
C CYS B 260 24.54 21.50 5.08
N LEU B 261 24.91 20.92 6.22
CA LEU B 261 25.93 19.88 6.28
C LEU B 261 25.58 18.56 5.61
N GLY B 262 24.30 18.24 5.58
CA GLY B 262 23.91 16.98 4.99
C GLY B 262 22.50 16.58 5.35
N ILE B 263 22.16 15.35 4.98
CA ILE B 263 20.85 14.79 5.20
C ILE B 263 20.87 13.40 5.82
N THR B 264 20.05 13.20 6.83
CA THR B 264 19.92 11.89 7.48
C THR B 264 18.44 11.49 7.38
N VAL B 265 18.17 10.30 6.84
CA VAL B 265 16.81 9.79 6.75
C VAL B 265 16.64 8.91 7.98
N TRP B 266 15.47 8.97 8.61
CA TRP B 266 15.24 8.21 9.85
C TRP B 266 14.91 6.74 9.67
N GLY B 267 15.90 5.98 9.19
CA GLY B 267 15.72 4.55 8.98
C GLY B 267 16.25 4.07 7.65
N VAL B 268 16.39 2.75 7.50
CA VAL B 268 16.90 2.18 6.26
C VAL B 268 15.76 1.73 5.34
N ARG B 269 14.99 0.73 5.76
CA ARG B 269 13.86 0.21 4.97
C ARG B 269 12.55 0.64 5.62
N ASP B 270 11.48 0.71 4.83
CA ASP B 270 10.19 1.13 5.37
C ASP B 270 9.79 0.28 6.58
N THR B 271 10.13 -0.99 6.54
CA THR B 271 9.81 -1.91 7.63
C THR B 271 10.56 -1.59 8.93
N ASP B 272 11.65 -0.82 8.81
CA ASP B 272 12.44 -0.42 9.97
C ASP B 272 11.98 0.91 10.56
N SER B 273 11.13 1.62 9.83
CA SER B 273 10.64 2.92 10.27
C SER B 273 9.74 2.93 11.49
N TRP B 274 9.86 3.99 12.28
CA TRP B 274 9.04 4.18 13.47
C TRP B 274 7.60 4.43 13.03
N ARG B 275 7.45 4.67 11.72
CA ARG B 275 6.14 4.90 11.11
C ARG B 275 6.09 4.15 9.79
N SER B 276 6.24 2.83 9.88
CA SER B 276 6.24 1.95 8.72
C SER B 276 4.95 2.03 7.92
N GLY B 277 3.84 2.27 8.61
CA GLY B 277 2.56 2.37 7.93
C GLY B 277 2.57 3.49 6.89
N ASP B 278 3.47 4.45 7.07
CA ASP B 278 3.57 5.56 6.13
C ASP B 278 4.58 5.32 5.00
N THR B 279 5.24 4.15 5.01
CA THR B 279 6.24 3.79 3.99
C THR B 279 6.92 5.10 3.58
N PRO B 280 7.62 5.74 4.53
CA PRO B 280 8.31 7.00 4.30
C PRO B 280 9.80 7.02 4.05
N LEU B 281 10.42 5.87 3.84
CA LEU B 281 11.87 5.83 3.62
C LEU B 281 12.27 5.58 2.16
N LEU B 282 13.54 5.29 1.91
CA LEU B 282 14.04 5.09 0.55
C LEU B 282 14.21 3.64 0.09
N PHE B 283 14.03 2.70 1.00
CA PHE B 283 14.12 1.28 0.66
C PHE B 283 12.88 0.60 1.23
N ASN B 284 12.33 -0.36 0.50
CA ASN B 284 11.15 -1.04 1.00
C ASN B 284 11.54 -2.28 1.81
N GLY B 285 10.54 -2.98 2.34
CA GLY B 285 10.79 -4.16 3.13
C GLY B 285 11.72 -5.18 2.47
N ASP B 286 11.64 -5.30 1.15
CA ASP B 286 12.48 -6.23 0.41
C ASP B 286 13.93 -5.78 0.41
N GLY B 287 14.15 -4.51 0.73
CA GLY B 287 15.50 -3.98 0.71
C GLY B 287 15.78 -3.35 -0.65
N SER B 288 14.76 -3.31 -1.50
CA SER B 288 14.95 -2.73 -2.83
C SER B 288 14.78 -1.20 -2.86
N LYS B 289 15.50 -0.57 -3.78
CA LYS B 289 15.45 0.87 -3.94
C LYS B 289 14.09 1.31 -4.44
N LYS B 290 13.52 2.30 -3.78
CA LYS B 290 12.22 2.82 -4.16
C LYS B 290 12.41 3.94 -5.20
N ALA B 291 11.32 4.36 -5.82
CA ALA B 291 11.37 5.43 -6.81
C ALA B 291 12.03 6.67 -6.19
N ALA B 292 11.77 6.89 -4.90
CA ALA B 292 12.31 8.04 -4.18
C ALA B 292 13.83 7.96 -4.02
N TYR B 293 14.37 6.75 -3.93
CA TYR B 293 15.81 6.59 -3.80
C TYR B 293 16.51 7.20 -5.01
N THR B 294 15.98 6.90 -6.19
CA THR B 294 16.57 7.40 -7.42
C THR B 294 16.39 8.91 -7.58
N ALA B 295 15.25 9.43 -7.14
CA ALA B 295 15.00 10.86 -7.22
C ALA B 295 16.02 11.59 -6.36
N VAL B 296 16.29 11.04 -5.17
CA VAL B 296 17.27 11.64 -4.27
C VAL B 296 18.68 11.56 -4.86
N LEU B 297 19.07 10.35 -5.30
CA LEU B 297 20.39 10.15 -5.88
C LEU B 297 20.60 11.09 -7.08
N ASN B 298 19.57 11.23 -7.92
CA ASN B 298 19.67 12.08 -9.09
C ASN B 298 19.79 13.56 -8.68
N ALA B 299 19.06 13.95 -7.65
CA ALA B 299 19.11 15.33 -7.17
C ALA B 299 20.51 15.62 -6.62
N LEU B 300 21.07 14.69 -5.86
CA LEU B 300 22.40 14.83 -5.29
C LEU B 300 23.42 14.96 -6.40
N ASN B 301 23.19 14.26 -7.50
CA ASN B 301 24.11 14.29 -8.63
C ASN B 301 23.88 15.44 -9.59
N GLY B 302 23.00 16.37 -9.20
CA GLY B 302 22.74 17.53 -10.06
C GLY B 302 21.49 17.41 -10.91
N GLY B 303 20.92 16.22 -10.99
CA GLY B 303 19.71 16.02 -11.78
C GLY B 303 19.92 16.18 -13.28
N SER B 304 18.86 15.92 -14.04
CA SER B 304 18.90 16.05 -15.50
C SER B 304 19.14 17.50 -15.92
N SER B 305 19.88 17.69 -17.00
CA SER B 305 20.18 19.03 -17.51
C SER B 305 19.06 19.60 -18.37
N THR B 306 17.87 19.02 -18.24
CA THR B 306 16.71 19.47 -19.01
C THR B 306 15.41 19.34 -18.21
N PRO B 307 14.39 20.13 -18.58
CA PRO B 307 13.07 20.15 -17.94
C PRO B 307 12.34 18.79 -17.93
N PRO B 308 12.09 18.23 -16.74
CA PRO B 308 11.40 16.94 -16.61
C PRO B 308 10.00 16.97 -17.22
N PRO B 309 9.56 15.84 -17.81
CA PRO B 309 8.24 15.73 -18.43
C PRO B 309 7.08 15.98 -17.48
N SER B 310 6.70 17.25 -17.34
CA SER B 310 5.60 17.64 -16.45
C SER B 310 4.27 17.35 -17.11
N GLY B 311 3.33 16.82 -16.35
CA GLY B 311 2.01 16.52 -16.88
C GLY B 311 2.02 15.40 -17.91
N GLY B 312 2.84 14.38 -17.68
CA GLY B 312 2.91 13.26 -18.60
C GLY B 312 3.76 13.57 -19.82
N GLY B 313 3.82 12.61 -20.75
CA GLY B 313 4.60 12.79 -21.95
C GLY B 313 4.97 11.45 -22.56
N GLN B 314 5.66 11.49 -23.70
CA GLN B 314 6.07 10.27 -24.37
C GLN B 314 7.38 9.72 -23.83
N ILE B 315 7.59 8.43 -24.04
CA ILE B 315 8.82 7.75 -23.61
C ILE B 315 9.37 7.11 -24.87
N LYS B 316 10.35 7.78 -25.49
CA LYS B 316 10.94 7.29 -26.72
C LYS B 316 12.21 6.49 -26.51
N GLY B 317 12.26 5.31 -27.13
CA GLY B 317 13.43 4.46 -27.01
C GLY B 317 14.55 5.02 -27.86
N VAL B 318 15.74 5.16 -27.27
CA VAL B 318 16.88 5.71 -27.99
C VAL B 318 17.36 4.81 -29.13
N GLY B 319 17.46 3.51 -28.87
CA GLY B 319 17.94 2.60 -29.88
C GLY B 319 16.97 2.26 -31.00
N SER B 320 15.76 2.85 -30.96
CA SER B 320 14.77 2.57 -32.00
C SER B 320 14.04 3.83 -32.47
N GLY B 321 14.10 4.89 -31.68
CA GLY B 321 13.44 6.12 -32.05
C GLY B 321 11.91 6.03 -31.94
N ARG B 322 11.41 4.92 -31.43
CA ARG B 322 9.97 4.72 -31.27
C ARG B 322 9.51 4.92 -29.82
N CYS B 323 8.22 5.23 -29.66
CA CYS B 323 7.64 5.48 -28.36
C CYS B 323 6.91 4.31 -27.69
N LEU B 324 6.88 4.34 -26.37
CA LEU B 324 6.20 3.33 -25.56
C LEU B 324 4.73 3.43 -25.97
N ASP B 325 4.17 2.33 -26.45
CA ASP B 325 2.78 2.37 -26.94
C ASP B 325 1.86 1.23 -26.50
N VAL B 326 0.65 1.59 -26.09
CA VAL B 326 -0.33 0.57 -25.68
C VAL B 326 -1.12 0.21 -26.94
N PRO B 327 -0.92 -1.01 -27.46
CA PRO B 327 -1.59 -1.52 -28.67
C PRO B 327 -3.05 -1.11 -28.87
N ASN B 328 -3.31 -0.41 -29.96
CA ASN B 328 -4.66 0.02 -30.34
C ASN B 328 -5.36 0.89 -29.31
N ALA B 329 -4.59 1.56 -28.45
CA ALA B 329 -5.16 2.41 -27.43
C ALA B 329 -6.12 1.63 -26.54
N SER B 330 -5.87 0.33 -26.40
CA SER B 330 -6.70 -0.54 -25.57
C SER B 330 -6.52 -0.21 -24.09
N THR B 331 -7.57 -0.43 -23.31
CA THR B 331 -7.51 -0.18 -21.87
C THR B 331 -7.68 -1.49 -21.12
N THR B 332 -7.63 -2.60 -21.86
CA THR B 332 -7.79 -3.93 -21.29
C THR B 332 -6.60 -4.35 -20.42
N ASP B 333 -6.86 -4.68 -19.16
CA ASP B 333 -5.80 -5.13 -18.25
C ASP B 333 -5.12 -6.35 -18.86
N GLY B 334 -3.79 -6.34 -18.84
CA GLY B 334 -3.05 -7.46 -19.39
C GLY B 334 -2.51 -7.19 -20.78
N THR B 335 -2.82 -6.03 -21.34
CA THR B 335 -2.33 -5.69 -22.67
C THR B 335 -0.86 -5.32 -22.59
N GLN B 336 0.00 -6.13 -23.19
CA GLN B 336 1.45 -5.88 -23.20
C GLN B 336 1.73 -4.63 -24.03
N VAL B 337 2.65 -3.79 -23.57
CA VAL B 337 2.98 -2.57 -24.30
C VAL B 337 3.97 -2.87 -25.40
N GLN B 338 4.07 -1.95 -26.35
CA GLN B 338 4.96 -2.15 -27.50
C GLN B 338 5.65 -0.85 -27.88
N LEU B 339 6.45 -0.93 -28.94
CA LEU B 339 7.14 0.21 -29.49
C LEU B 339 6.34 0.58 -30.73
N TYR B 340 6.23 1.87 -31.02
CA TYR B 340 5.50 2.30 -32.20
C TYR B 340 5.82 3.75 -32.53
N ASP B 341 5.67 4.09 -33.81
CA ASP B 341 5.93 5.45 -34.28
C ASP B 341 5.28 6.43 -33.33
N CYS B 342 6.04 7.41 -32.87
CA CYS B 342 5.53 8.40 -31.95
C CYS B 342 4.54 9.35 -32.61
N HIS B 343 3.50 9.70 -31.88
CA HIS B 343 2.49 10.63 -32.37
C HIS B 343 1.57 11.07 -31.24
N SER B 344 0.80 12.12 -31.48
CA SER B 344 -0.13 12.63 -30.48
C SER B 344 -1.26 11.64 -30.26
N ALA B 345 -1.09 10.76 -29.28
CA ALA B 345 -2.08 9.76 -28.97
C ALA B 345 -2.06 9.48 -27.47
N THR B 346 -3.24 9.39 -26.87
CA THR B 346 -3.34 9.13 -25.44
C THR B 346 -2.65 7.84 -25.05
N ASN B 347 -2.63 6.87 -25.95
CA ASN B 347 -2.01 5.58 -25.66
C ASN B 347 -0.49 5.65 -25.75
N GLN B 348 0.04 6.86 -25.71
CA GLN B 348 1.49 7.07 -25.77
C GLN B 348 1.94 8.13 -24.77
N GLN B 349 0.98 8.71 -24.04
CA GLN B 349 1.25 9.74 -23.04
C GLN B 349 1.34 9.13 -21.65
N TRP B 350 2.57 8.98 -21.15
CA TRP B 350 2.78 8.41 -19.83
C TRP B 350 3.12 9.46 -18.79
N THR B 351 2.55 9.31 -17.60
CA THR B 351 2.80 10.25 -16.50
C THR B 351 3.47 9.52 -15.34
N TYR B 352 4.60 10.04 -14.90
CA TYR B 352 5.33 9.45 -13.79
C TYR B 352 4.85 10.14 -12.53
N THR B 353 4.22 9.39 -11.64
CA THR B 353 3.70 9.95 -10.39
C THR B 353 4.77 9.99 -9.30
N ASP B 354 4.52 10.80 -8.27
CA ASP B 354 5.48 10.91 -7.18
C ASP B 354 5.70 9.57 -6.49
N ALA B 355 4.73 8.66 -6.63
CA ALA B 355 4.84 7.33 -6.02
C ALA B 355 5.63 6.36 -6.90
N GLY B 356 6.03 6.82 -8.09
CA GLY B 356 6.82 5.98 -8.97
C GLY B 356 6.08 5.18 -10.02
N GLU B 357 4.80 5.47 -10.21
CA GLU B 357 4.01 4.76 -11.22
C GLU B 357 4.14 5.44 -12.58
N LEU B 358 3.91 4.68 -13.64
CA LEU B 358 3.93 5.20 -15.00
C LEU B 358 2.50 4.95 -15.50
N ARG B 359 1.66 5.97 -15.35
CA ARG B 359 0.27 5.88 -15.73
C ARG B 359 -0.07 6.32 -17.14
N VAL B 360 -1.09 5.69 -17.69
CA VAL B 360 -1.61 5.99 -19.01
C VAL B 360 -3.13 5.99 -18.86
N TYR B 361 -3.81 6.82 -19.65
CA TYR B 361 -5.27 6.92 -19.59
C TYR B 361 -5.73 7.52 -18.27
N GLY B 362 -4.81 7.73 -17.35
CA GLY B 362 -5.18 8.32 -16.08
C GLY B 362 -5.21 7.35 -14.92
N ASP B 363 -5.70 6.13 -15.14
CA ASP B 363 -5.76 5.14 -14.06
C ASP B 363 -5.25 3.76 -14.46
N LYS B 364 -4.46 3.68 -15.53
CA LYS B 364 -3.86 2.40 -15.94
C LYS B 364 -2.38 2.53 -15.64
N CYS B 365 -1.76 1.43 -15.21
CA CYS B 365 -0.35 1.46 -14.82
C CYS B 365 0.58 0.46 -15.53
N LEU B 366 1.79 0.90 -15.85
CA LEU B 366 2.79 0.04 -16.46
C LEU B 366 2.97 -1.00 -15.37
N ASP B 367 2.70 -2.25 -15.71
CA ASP B 367 2.70 -3.36 -14.77
C ASP B 367 3.55 -4.55 -15.23
N ALA B 368 4.25 -5.18 -14.29
CA ALA B 368 5.08 -6.33 -14.59
C ALA B 368 4.45 -7.56 -13.97
N ALA B 369 4.20 -8.58 -14.79
CA ALA B 369 3.59 -9.82 -14.31
C ALA B 369 4.66 -10.84 -13.96
N GLY B 370 5.54 -10.47 -13.03
CA GLY B 370 6.60 -11.36 -12.64
C GLY B 370 7.85 -10.57 -12.30
N THR B 371 8.92 -11.26 -11.93
CA THR B 371 10.16 -10.59 -11.56
C THR B 371 11.40 -11.04 -12.32
N GLY B 372 11.25 -12.06 -13.16
CA GLY B 372 12.41 -12.57 -13.90
C GLY B 372 12.53 -12.05 -15.32
N ASN B 373 13.64 -12.37 -15.97
CA ASN B 373 13.87 -11.95 -17.35
C ASN B 373 12.75 -12.42 -18.27
N GLY B 374 12.40 -11.57 -19.23
CA GLY B 374 11.36 -11.93 -20.17
C GLY B 374 9.97 -11.56 -19.69
N THR B 375 9.82 -11.30 -18.39
CA THR B 375 8.53 -10.94 -17.84
C THR B 375 7.87 -9.91 -18.74
N LYS B 376 6.60 -10.17 -19.04
CA LYS B 376 5.80 -9.30 -19.87
C LYS B 376 5.50 -7.98 -19.17
N VAL B 377 5.69 -6.87 -19.87
CA VAL B 377 5.41 -5.56 -19.30
C VAL B 377 4.09 -5.14 -19.95
N GLN B 378 3.07 -4.94 -19.12
CA GLN B 378 1.74 -4.62 -19.61
C GLN B 378 1.11 -3.45 -18.88
N ILE B 379 -0.20 -3.27 -19.07
CA ILE B 379 -0.95 -2.23 -18.37
C ILE B 379 -1.92 -2.96 -17.46
N TYR B 380 -2.17 -2.39 -16.28
CA TYR B 380 -3.07 -3.01 -15.31
C TYR B 380 -3.65 -1.93 -14.42
N SER B 381 -4.81 -2.17 -13.83
CA SER B 381 -5.43 -1.19 -12.94
C SER B 381 -4.37 -0.79 -11.92
N CYS B 382 -4.21 0.51 -11.70
CA CYS B 382 -3.23 1.00 -10.74
C CYS B 382 -3.64 0.68 -9.31
N TRP B 383 -2.70 0.14 -8.51
CA TRP B 383 -3.00 -0.16 -7.11
C TRP B 383 -1.81 0.07 -6.19
N GLY B 384 -0.65 0.40 -6.77
CA GLY B 384 0.53 0.67 -5.96
C GLY B 384 1.51 -0.46 -5.67
N GLY B 385 1.30 -1.64 -6.26
CA GLY B 385 2.23 -2.73 -6.01
C GLY B 385 3.62 -2.35 -6.48
N ASP B 386 4.66 -2.93 -5.87
CA ASP B 386 6.02 -2.60 -6.29
C ASP B 386 6.27 -3.01 -7.73
N ASN B 387 5.43 -3.91 -8.25
CA ASN B 387 5.58 -4.36 -9.62
C ASN B 387 4.96 -3.31 -10.54
N GLN B 388 4.54 -2.18 -9.95
CA GLN B 388 3.96 -1.08 -10.70
C GLN B 388 4.75 0.20 -10.42
N LYS B 389 5.85 0.07 -9.67
CA LYS B 389 6.70 1.20 -9.31
C LYS B 389 7.97 1.13 -10.16
N TRP B 390 8.42 2.28 -10.67
CA TRP B 390 9.62 2.31 -11.49
C TRP B 390 10.59 3.41 -11.08
N ARG B 391 11.87 3.17 -11.34
CA ARG B 391 12.91 4.14 -11.04
C ARG B 391 13.47 4.66 -12.36
N LEU B 392 13.53 5.98 -12.50
CA LEU B 392 14.04 6.59 -13.73
C LEU B 392 15.52 6.93 -13.56
N ASN B 393 16.39 6.00 -13.97
CA ASN B 393 17.83 6.20 -13.85
C ASN B 393 18.33 7.33 -14.74
N SER B 394 19.34 8.05 -14.25
CA SER B 394 19.91 9.17 -15.00
C SER B 394 20.50 8.70 -16.33
N ASP B 395 20.89 7.43 -16.41
CA ASP B 395 21.47 6.87 -17.63
C ASP B 395 20.42 6.53 -18.68
N GLY B 396 19.18 6.96 -18.45
CA GLY B 396 18.11 6.68 -19.41
C GLY B 396 17.38 5.37 -19.23
N SER B 397 17.86 4.52 -18.32
CA SER B 397 17.20 3.23 -18.10
C SER B 397 16.06 3.38 -17.10
N ILE B 398 15.03 2.56 -17.27
CA ILE B 398 13.86 2.58 -16.38
C ILE B 398 13.84 1.21 -15.71
N VAL B 399 14.03 1.20 -14.39
CA VAL B 399 14.09 -0.04 -13.65
C VAL B 399 12.87 -0.33 -12.78
N GLY B 400 12.43 -1.60 -12.80
CA GLY B 400 11.30 -1.99 -11.99
C GLY B 400 11.71 -2.10 -10.53
N VAL B 401 10.96 -1.45 -9.66
CA VAL B 401 11.28 -1.47 -8.24
C VAL B 401 11.33 -2.87 -7.66
N GLN B 402 10.25 -3.62 -7.85
CA GLN B 402 10.19 -4.98 -7.31
C GLN B 402 11.19 -5.95 -7.92
N SER B 403 11.38 -5.86 -9.23
CA SER B 403 12.28 -6.77 -9.93
C SER B 403 13.73 -6.34 -10.03
N GLY B 404 13.97 -5.03 -9.97
CA GLY B 404 15.33 -4.56 -10.11
C GLY B 404 15.76 -4.75 -11.56
N LEU B 405 14.78 -5.03 -12.43
CA LEU B 405 15.06 -5.24 -13.84
C LEU B 405 14.67 -4.06 -14.72
N CYS B 406 15.34 -3.95 -15.86
CA CYS B 406 15.12 -2.85 -16.80
C CYS B 406 14.07 -3.13 -17.88
N LEU B 407 13.36 -2.08 -18.29
CA LEU B 407 12.38 -2.20 -19.36
C LEU B 407 13.24 -2.55 -20.57
N ASP B 408 12.86 -3.59 -21.30
CA ASP B 408 13.66 -4.06 -22.43
C ASP B 408 12.88 -4.40 -23.69
N ALA B 409 13.24 -3.76 -24.81
CA ALA B 409 12.60 -4.04 -26.09
C ALA B 409 13.11 -5.41 -26.52
N VAL B 410 12.20 -6.38 -26.56
CA VAL B 410 12.53 -7.77 -26.90
C VAL B 410 13.42 -7.97 -28.13
N GLY B 411 14.42 -8.85 -27.96
CA GLY B 411 15.36 -9.17 -29.02
C GLY B 411 16.04 -7.96 -29.63
N GLY B 412 15.98 -6.84 -28.94
CA GLY B 412 16.60 -5.64 -29.48
C GLY B 412 15.80 -5.13 -30.65
N GLY B 413 14.64 -5.72 -30.88
CA GLY B 413 13.78 -5.31 -31.97
C GLY B 413 13.68 -3.80 -32.00
N THR B 414 13.40 -3.23 -33.17
CA THR B 414 13.30 -1.79 -33.28
C THR B 414 12.08 -1.28 -34.05
N ALA B 415 11.45 -2.17 -34.82
CA ALA B 415 10.28 -1.78 -35.61
C ALA B 415 8.99 -1.79 -34.80
N ASN B 416 7.97 -1.12 -35.33
CA ASN B 416 6.67 -1.07 -34.67
C ASN B 416 6.27 -2.49 -34.29
N GLY B 417 5.47 -2.61 -33.23
CA GLY B 417 5.03 -3.93 -32.81
C GLY B 417 6.02 -4.64 -31.90
N THR B 418 7.20 -4.05 -31.72
CA THR B 418 8.20 -4.65 -30.85
C THR B 418 7.64 -4.60 -29.44
N LEU B 419 7.58 -5.76 -28.78
CA LEU B 419 7.03 -5.83 -27.43
C LEU B 419 8.04 -5.44 -26.35
N ILE B 420 7.52 -5.07 -25.18
CA ILE B 420 8.37 -4.65 -24.05
C ILE B 420 8.37 -5.70 -22.95
N GLN B 421 9.56 -6.00 -22.41
CA GLN B 421 9.71 -6.99 -21.35
C GLN B 421 10.70 -6.50 -20.28
N LEU B 422 10.84 -7.27 -19.21
CA LEU B 422 11.79 -6.94 -18.16
C LEU B 422 13.05 -7.75 -18.47
N TYR B 423 14.22 -7.20 -18.13
CA TYR B 423 15.45 -7.93 -18.36
C TYR B 423 16.62 -7.35 -17.57
N SER B 424 17.57 -8.21 -17.24
CA SER B 424 18.76 -7.79 -16.51
C SER B 424 19.31 -6.56 -17.23
N CYS B 425 19.46 -5.46 -16.51
CA CYS B 425 19.95 -4.23 -17.10
C CYS B 425 21.30 -4.40 -17.81
N SER B 426 21.36 -3.97 -19.07
CA SER B 426 22.56 -4.12 -19.88
C SER B 426 23.14 -2.80 -20.39
N ASN B 427 22.44 -1.70 -20.16
CA ASN B 427 22.91 -0.40 -20.61
C ASN B 427 22.81 -0.35 -22.13
N GLY B 428 21.97 -1.23 -22.68
CA GLY B 428 21.78 -1.28 -24.12
C GLY B 428 20.85 -0.18 -24.61
N SER B 429 20.92 0.13 -25.90
CA SER B 429 20.09 1.16 -26.49
C SER B 429 18.62 0.75 -26.47
N ASN B 430 18.36 -0.54 -26.35
CA ASN B 430 16.99 -1.04 -26.31
C ASN B 430 16.48 -1.02 -24.88
N GLN B 431 17.34 -0.59 -23.96
CA GLN B 431 16.99 -0.48 -22.55
C GLN B 431 17.14 0.97 -22.11
N ARG B 432 17.49 1.83 -23.06
CA ARG B 432 17.67 3.24 -22.76
C ARG B 432 16.50 4.04 -23.32
N TRP B 433 16.06 5.03 -22.55
CA TRP B 433 14.92 5.84 -22.96
C TRP B 433 15.15 7.33 -22.80
N THR B 434 14.67 8.08 -23.78
CA THR B 434 14.79 9.53 -23.78
C THR B 434 13.35 10.01 -23.82
N ARG B 435 12.96 10.79 -22.81
CA ARG B 435 11.59 11.28 -22.73
C ARG B 435 11.32 12.53 -23.56
N THR B 436 10.05 12.75 -23.87
CA THR B 436 9.62 13.90 -24.67
C THR B 436 8.27 14.40 -24.18
#